data_5XUJ
#
_entry.id   5XUJ
#
_cell.length_a   50.339
_cell.length_b   81.299
_cell.length_c   157.597
_cell.angle_alpha   90.00
_cell.angle_beta   90.00
_cell.angle_gamma   90.00
#
_symmetry.space_group_name_H-M   'P 21 21 21'
#
loop_
_entity.id
_entity.type
_entity.pdbx_description
1 polymer "cAMP and cAMP-inhibited cGMP 3',5'-cyclic phosphodiesterase 10A"
2 non-polymer 'ZINC ION'
3 non-polymer 'MAGNESIUM ION'
4 non-polymer 7-(4-chlorophenyl)-2-methyl-pyrazolo[1,5-a]pyrimidine
5 water water
#
_entity_poly.entity_id   1
_entity_poly.type   'polypeptide(L)'
_entity_poly.pdbx_seq_one_letter_code
;GSHMSICTSEEWQGLMQFTLPVRLCKEIELFHFDIGPFENMWPGIFVYMVHRSCGTSCFELEKLCRFIMSVKKNYRRVPY
HNWKHAVTVAHCMYAILQNNHTLFTDLERKGLLIACLCHDLDHRGFSNSYLQKFDHPLAALYSTSTMEQHHFSQTVSILQ
LEGHNIFSTLSSSEYEQVLEIIRKAIIATDLALYFGNRKQLEEMYQTGSLNLNNQSHRDRVIGLMMTACDLCSVTKLWPV
TKLTANDIYAEFWAEGDEMKKLGIQPIPMMDRDKKDEVPQGQLGFYNAVAIPCYTTLTQILPPTEPLLKACRDNLSQWEK
VIRGEETATWISSPSVAQKAAASED
;
_entity_poly.pdbx_strand_id   A,B
#
loop_
_chem_comp.id
_chem_comp.type
_chem_comp.name
_chem_comp.formula
8G6 non-polymer 7-(4-chlorophenyl)-2-methyl-pyrazolo[1,5-a]pyrimidine 'C13 H10 Cl N3'
MG non-polymer 'MAGNESIUM ION' 'Mg 2'
ZN non-polymer 'ZINC ION' 'Zn 2'
#
# COMPACT_ATOMS: atom_id res chain seq x y z
N MET A 4 -13.05 16.92 34.38
CA MET A 4 -12.84 17.93 33.29
C MET A 4 -12.16 19.17 33.84
N SER A 5 -10.89 19.37 33.47
CA SER A 5 -10.21 20.60 33.87
C SER A 5 -10.62 21.75 32.95
N ILE A 6 -10.39 22.97 33.43
CA ILE A 6 -10.81 24.19 32.74
C ILE A 6 -9.67 25.21 32.77
N CYS A 7 -9.75 26.20 31.87
CA CYS A 7 -8.65 27.15 31.66
C CYS A 7 -8.77 28.36 32.63
N THR A 8 -7.69 29.12 32.78
CA THR A 8 -7.74 30.36 33.55
C THR A 8 -8.50 31.42 32.72
N SER A 9 -8.82 32.55 33.32
CA SER A 9 -9.25 33.71 32.55
C SER A 9 -8.13 34.21 31.65
N GLU A 10 -6.89 34.23 32.18
CA GLU A 10 -5.68 34.70 31.47
C GLU A 10 -5.29 33.86 30.26
N GLU A 11 -5.45 32.54 30.37
CA GLU A 11 -5.31 31.64 29.24
C GLU A 11 -6.29 31.98 28.11
N TRP A 12 -7.59 32.05 28.42
CA TRP A 12 -8.58 32.33 27.36
C TRP A 12 -8.48 33.74 26.85
N GLN A 13 -8.05 34.67 27.70
CA GLN A 13 -7.86 36.04 27.26
C GLN A 13 -6.64 36.18 26.38
N GLY A 14 -5.61 35.39 26.66
CA GLY A 14 -4.36 35.45 25.91
C GLY A 14 -4.59 34.94 24.50
N LEU A 15 -5.47 33.96 24.35
CA LEU A 15 -5.76 33.38 23.03
C LEU A 15 -6.50 34.44 22.22
N MET A 16 -7.46 35.09 22.84
CA MET A 16 -8.21 36.19 22.21
C MET A 16 -7.41 37.30 21.52
N GLN A 17 -6.25 37.67 22.06
CA GLN A 17 -5.44 38.74 21.45
C GLN A 17 -4.47 38.23 20.42
N PHE A 18 -4.42 36.91 20.23
CA PHE A 18 -3.47 36.34 19.26
C PHE A 18 -3.77 36.68 17.81
N THR A 19 -2.73 37.09 17.07
CA THR A 19 -2.82 37.20 15.62
C THR A 19 -1.74 36.30 15.08
N LEU A 20 -2.08 35.49 14.07
CA LEU A 20 -1.05 34.67 13.43
C LEU A 20 -0.12 35.64 12.72
N PRO A 21 1.20 35.43 12.84
CA PRO A 21 2.12 36.30 12.09
C PRO A 21 1.98 35.96 10.64
N VAL A 22 2.18 36.98 9.80
CA VAL A 22 1.80 36.92 8.40
C VAL A 22 2.65 35.94 7.60
N ARG A 23 3.93 35.85 7.96
CA ARG A 23 4.87 34.94 7.30
C ARG A 23 4.38 33.46 7.25
N LEU A 24 3.47 33.07 8.14
CA LEU A 24 2.92 31.72 8.09
C LEU A 24 1.62 31.63 7.30
N CYS A 25 1.15 32.74 6.73
CA CYS A 25 -0.19 32.77 6.14
C CYS A 25 -0.40 31.89 4.92
N LYS A 26 0.68 31.70 4.16
CA LYS A 26 0.70 30.75 3.02
C LYS A 26 1.07 29.34 3.47
N GLU A 27 2.00 29.23 4.43
CA GLU A 27 2.51 27.93 4.92
C GLU A 27 1.38 27.04 5.41
N ILE A 28 0.49 27.67 6.14
CA ILE A 28 -0.55 26.98 6.86
C ILE A 28 -1.60 26.41 5.91
N GLU A 29 -1.56 26.74 4.63
CA GLU A 29 -2.56 26.20 3.69
C GLU A 29 -1.98 24.94 3.02
N LEU A 30 -0.68 24.76 3.15
CA LEU A 30 0.01 23.60 2.66
C LEU A 30 -0.32 22.33 3.47
N PHE A 31 -0.57 21.25 2.75
CA PHE A 31 -0.83 19.94 3.38
C PHE A 31 0.35 19.56 4.29
N HIS A 32 1.57 19.77 3.83
CA HIS A 32 2.73 19.41 4.62
C HIS A 32 3.17 20.42 5.68
N PHE A 33 2.34 21.42 5.98
CA PHE A 33 2.71 22.38 7.00
C PHE A 33 3.04 21.72 8.35
N ASP A 34 4.22 22.00 8.88
CA ASP A 34 4.60 21.52 10.20
C ASP A 34 4.40 22.58 11.27
N ILE A 35 3.43 22.39 12.15
CA ILE A 35 3.25 23.30 13.29
C ILE A 35 4.44 23.25 14.28
N GLY A 36 5.33 22.27 14.15
CA GLY A 36 6.34 21.94 15.21
C GLY A 36 7.08 23.09 15.92
N PRO A 37 7.71 24.02 15.16
CA PRO A 37 8.43 25.23 15.62
C PRO A 37 7.61 26.26 16.41
N PHE A 38 6.29 26.11 16.52
CA PHE A 38 5.47 27.22 16.99
C PHE A 38 4.56 26.89 18.16
N GLU A 39 5.13 26.36 19.24
CA GLU A 39 4.33 25.86 20.36
C GLU A 39 3.37 26.85 21.02
N ASN A 40 3.81 28.09 21.22
CA ASN A 40 2.95 29.13 21.81
C ASN A 40 1.80 29.55 20.87
N MET A 41 1.98 29.28 19.58
CA MET A 41 0.97 29.62 18.61
C MET A 41 -0.11 28.53 18.38
N TRP A 42 0.10 27.31 18.92
CA TRP A 42 -0.80 26.21 18.58
C TRP A 42 -2.29 26.49 18.86
N PRO A 43 -2.62 27.06 20.06
CA PRO A 43 -4.05 27.43 20.20
C PRO A 43 -4.43 28.51 19.18
N GLY A 44 -3.55 29.51 19.03
CA GLY A 44 -3.74 30.58 18.06
C GLY A 44 -4.07 30.03 16.69
N ILE A 45 -3.17 29.17 16.20
CA ILE A 45 -3.34 28.46 14.93
C ILE A 45 -4.72 27.82 14.82
N PHE A 46 -5.19 27.18 15.87
CA PHE A 46 -6.48 26.55 15.73
C PHE A 46 -7.58 27.63 15.54
N VAL A 47 -7.53 28.72 16.31
CA VAL A 47 -8.47 29.84 16.09
C VAL A 47 -8.40 30.32 14.64
N TYR A 48 -7.19 30.65 14.19
CA TYR A 48 -7.04 31.00 12.79
C TYR A 48 -7.82 30.03 11.86
N MET A 49 -7.55 28.72 11.97
CA MET A 49 -8.11 27.77 11.02
C MET A 49 -9.65 27.73 11.06
N VAL A 50 -10.21 27.79 12.27
CA VAL A 50 -11.66 27.84 12.45
C VAL A 50 -12.20 29.07 11.75
N HIS A 51 -11.56 30.22 11.99
CA HIS A 51 -12.00 31.47 11.40
C HIS A 51 -12.08 31.41 9.87
N ARG A 52 -11.10 30.75 9.23
CA ARG A 52 -11.03 30.73 7.77
C ARG A 52 -11.90 29.64 7.14
N SER A 53 -12.04 28.51 7.83
CA SER A 53 -12.94 27.45 7.37
C SER A 53 -14.40 27.71 7.62
N CYS A 54 -14.69 28.24 8.81
CA CYS A 54 -16.05 28.49 9.30
C CYS A 54 -16.49 29.97 9.46
N GLY A 55 -15.56 30.93 9.35
CA GLY A 55 -15.89 32.35 9.45
C GLY A 55 -15.79 32.97 10.85
N THR A 56 -15.26 34.18 10.94
CA THR A 56 -15.09 34.91 12.21
C THR A 56 -16.38 35.04 13.04
N SER A 57 -17.53 34.85 12.39
CA SER A 57 -18.78 35.01 13.09
C SER A 57 -19.50 33.68 13.15
N CYS A 58 -18.73 32.64 13.50
CA CYS A 58 -19.27 31.27 13.57
C CYS A 58 -19.36 30.75 15.02
N PHE A 59 -18.51 31.31 15.89
CA PHE A 59 -18.50 31.03 17.34
C PHE A 59 -18.12 32.29 18.09
N GLU A 60 -18.82 32.62 19.19
CA GLU A 60 -18.43 33.81 20.00
C GLU A 60 -16.97 33.63 20.33
N LEU A 61 -16.14 34.59 19.96
CA LEU A 61 -14.73 34.42 20.20
C LEU A 61 -14.46 33.86 21.61
N GLU A 62 -15.21 34.39 22.59
CA GLU A 62 -14.97 34.19 24.03
C GLU A 62 -15.10 32.73 24.45
N LYS A 63 -16.32 32.21 24.31
CA LYS A 63 -16.60 30.80 24.52
C LYS A 63 -15.67 29.90 23.69
N LEU A 64 -15.23 30.36 22.53
CA LEU A 64 -14.37 29.52 21.71
C LEU A 64 -12.95 29.43 22.25
N CYS A 65 -12.43 30.54 22.78
CA CYS A 65 -11.11 30.49 23.37
C CYS A 65 -11.18 29.72 24.68
N ARG A 66 -12.27 29.93 25.43
CA ARG A 66 -12.57 29.15 26.61
C ARG A 66 -12.47 27.65 26.31
N PHE A 67 -13.22 27.23 25.29
CA PHE A 67 -13.23 25.84 24.82
C PHE A 67 -11.80 25.34 24.51
N ILE A 68 -11.03 26.12 23.78
CA ILE A 68 -9.73 25.70 23.28
C ILE A 68 -8.78 25.41 24.45
N MET A 69 -8.56 26.45 25.26
CA MET A 69 -7.61 26.41 26.37
C MET A 69 -7.95 25.32 27.39
N SER A 70 -9.23 25.02 27.51
CA SER A 70 -9.67 23.92 28.34
C SER A 70 -9.43 22.54 27.69
N VAL A 71 -9.63 22.44 26.38
CA VAL A 71 -9.36 21.18 25.70
C VAL A 71 -7.86 20.94 25.88
N LYS A 72 -7.07 22.00 25.79
CA LYS A 72 -5.62 21.89 25.97
C LYS A 72 -5.27 21.19 27.29
N LYS A 73 -5.88 21.67 28.37
CA LYS A 73 -5.65 21.15 29.71
C LYS A 73 -6.21 19.76 30.01
N ASN A 74 -6.98 19.22 29.08
CA ASN A 74 -7.42 17.82 29.21
C ASN A 74 -6.61 16.84 28.31
N TYR A 75 -5.61 17.36 27.59
CA TYR A 75 -4.55 16.52 26.99
C TYR A 75 -3.46 16.32 28.00
N ARG A 76 -2.69 15.25 27.85
CA ARG A 76 -1.60 14.99 28.77
C ARG A 76 -0.26 15.07 28.10
N ARG A 77 0.73 15.36 28.93
CA ARG A 77 2.10 15.59 28.52
C ARG A 77 2.82 14.27 28.30
N VAL A 78 2.23 13.41 27.49
CA VAL A 78 2.83 12.20 26.95
C VAL A 78 3.54 12.54 25.61
N PRO A 79 4.50 11.68 25.13
CA PRO A 79 5.32 12.03 23.93
C PRO A 79 4.54 12.37 22.65
N TYR A 80 3.61 11.49 22.27
CA TYR A 80 2.85 11.61 21.02
C TYR A 80 1.37 12.02 21.16
N HIS A 81 0.52 11.24 21.85
CA HIS A 81 -0.93 11.54 21.92
C HIS A 81 -1.32 12.79 22.78
N ASN A 82 -0.61 13.87 22.56
CA ASN A 82 -0.69 15.07 23.39
C ASN A 82 -1.36 16.22 22.60
N TRP A 83 -1.32 17.41 23.15
CA TRP A 83 -1.88 18.59 22.49
C TRP A 83 -1.32 18.88 21.06
N LYS A 84 -0.03 18.62 20.86
CA LYS A 84 0.61 18.77 19.55
C LYS A 84 -0.10 17.97 18.47
N HIS A 85 -0.37 16.72 18.79
CA HIS A 85 -0.99 15.81 17.84
C HIS A 85 -2.41 16.27 17.51
N ALA A 86 -3.09 16.84 18.48
CA ALA A 86 -4.48 17.24 18.31
C ALA A 86 -4.53 18.43 17.37
N VAL A 87 -3.55 19.33 17.48
CA VAL A 87 -3.50 20.49 16.61
C VAL A 87 -2.97 20.07 15.25
N THR A 88 -2.11 19.08 15.23
CA THR A 88 -1.61 18.60 13.96
C THR A 88 -2.72 17.93 13.21
N VAL A 89 -3.54 17.19 13.92
CA VAL A 89 -4.63 16.50 13.26
C VAL A 89 -5.60 17.53 12.70
N ALA A 90 -6.05 18.46 13.54
CA ALA A 90 -6.93 19.61 13.19
C ALA A 90 -6.47 20.30 11.93
N HIS A 91 -5.19 20.67 11.91
CA HIS A 91 -4.65 21.36 10.73
C HIS A 91 -4.83 20.60 9.43
N CYS A 92 -4.58 19.27 9.47
CA CYS A 92 -4.67 18.47 8.27
C CYS A 92 -6.13 18.49 7.81
N MET A 93 -7.05 18.54 8.78
CA MET A 93 -8.48 18.51 8.46
C MET A 93 -8.82 19.87 7.84
N TYR A 94 -8.18 20.92 8.35
CA TYR A 94 -8.37 22.25 7.83
C TYR A 94 -7.95 22.26 6.37
N ALA A 95 -6.76 21.74 6.09
CA ALA A 95 -6.30 21.65 4.70
C ALA A 95 -7.24 20.81 3.81
N ILE A 96 -7.88 19.79 4.35
CA ILE A 96 -8.77 18.95 3.54
C ILE A 96 -10.06 19.75 3.25
N LEU A 97 -10.50 20.50 4.25
CA LEU A 97 -11.72 21.29 4.16
C LEU A 97 -11.55 22.39 3.11
N GLN A 98 -10.40 23.04 3.14
CA GLN A 98 -10.07 24.15 2.26
C GLN A 98 -9.99 23.81 0.80
N ASN A 99 -9.64 22.57 0.50
CA ASN A 99 -9.43 22.18 -0.88
C ASN A 99 -10.62 21.37 -1.36
N ASN A 100 -11.64 21.28 -0.51
CA ASN A 100 -12.88 20.61 -0.91
C ASN A 100 -14.08 21.43 -0.49
N HIS A 101 -13.98 22.76 -0.57
CA HIS A 101 -14.91 23.55 0.22
C HIS A 101 -16.37 23.28 -0.11
N THR A 102 -16.64 23.15 -1.41
CA THR A 102 -18.00 23.06 -1.87
C THR A 102 -18.72 21.74 -1.51
N LEU A 103 -18.00 20.80 -0.90
CA LEU A 103 -18.55 19.47 -0.60
C LEU A 103 -19.03 19.33 0.85
N PHE A 104 -18.58 20.24 1.72
CA PHE A 104 -18.87 20.07 3.12
C PHE A 104 -19.74 21.17 3.63
N THR A 105 -20.72 20.80 4.45
CA THR A 105 -21.66 21.77 5.02
C THR A 105 -20.98 22.52 6.15
N ASP A 106 -21.57 23.64 6.55
CA ASP A 106 -20.99 24.49 7.57
C ASP A 106 -20.93 23.66 8.80
N LEU A 107 -22.07 23.00 9.06
CA LEU A 107 -22.23 22.17 10.23
C LEU A 107 -21.11 21.11 10.31
N GLU A 108 -20.80 20.47 9.17
CA GLU A 108 -19.68 19.53 9.05
C GLU A 108 -18.34 20.23 9.29
N ARG A 109 -18.13 21.39 8.68
CA ARG A 109 -16.84 22.05 8.80
C ARG A 109 -16.55 22.41 10.25
N LYS A 110 -17.56 22.86 10.99
CA LYS A 110 -17.30 23.23 12.37
C LYS A 110 -17.11 21.99 13.20
N GLY A 111 -17.95 20.99 13.00
CA GLY A 111 -17.91 19.77 13.77
C GLY A 111 -16.63 18.96 13.56
N LEU A 112 -16.10 18.99 12.35
CA LEU A 112 -14.91 18.20 12.06
C LEU A 112 -13.66 18.83 12.64
N LEU A 113 -13.52 20.16 12.58
CA LEU A 113 -12.39 20.80 13.24
C LEU A 113 -12.40 20.60 14.76
N ILE A 114 -13.54 20.86 15.41
CA ILE A 114 -13.72 20.59 16.86
C ILE A 114 -13.45 19.13 17.23
N ALA A 115 -13.99 18.21 16.45
CA ALA A 115 -13.81 16.79 16.69
C ALA A 115 -12.35 16.39 16.54
N CYS A 116 -11.68 16.96 15.54
CA CYS A 116 -10.26 16.71 15.36
C CYS A 116 -9.46 17.13 16.58
N LEU A 117 -9.83 18.29 17.14
CA LEU A 117 -9.12 18.84 18.30
C LEU A 117 -9.33 17.96 19.52
N CYS A 118 -10.50 17.34 19.59
CA CYS A 118 -10.89 16.57 20.75
C CYS A 118 -10.64 15.08 20.56
N HIS A 119 -10.08 14.68 19.41
CA HIS A 119 -10.06 13.28 18.99
C HIS A 119 -9.33 12.30 19.96
N ASP A 120 -8.22 12.73 20.56
CA ASP A 120 -7.60 11.90 21.58
C ASP A 120 -7.65 12.53 23.00
N LEU A 121 -8.76 13.21 23.32
CA LEU A 121 -8.87 13.88 24.63
C LEU A 121 -8.50 12.92 25.76
N ASP A 122 -7.56 13.34 26.60
CA ASP A 122 -7.21 12.67 27.85
C ASP A 122 -6.53 11.34 27.60
N HIS A 123 -5.93 11.19 26.42
CA HIS A 123 -5.11 10.02 26.14
C HIS A 123 -3.94 9.92 27.18
N ARG A 124 -3.74 8.70 27.66
CA ARG A 124 -2.76 8.44 28.67
C ARG A 124 -1.45 8.04 28.05
N GLY A 125 -1.51 7.57 26.80
CA GLY A 125 -0.33 7.12 26.07
C GLY A 125 -0.25 5.62 25.91
N PHE A 126 -1.02 4.90 26.73
CA PHE A 126 -1.00 3.45 26.66
C PHE A 126 -2.01 2.97 25.60
N SER A 127 -1.72 1.82 25.02
CA SER A 127 -2.52 1.28 23.91
C SER A 127 -3.90 0.81 24.37
N ASN A 128 -4.90 0.99 23.49
CA ASN A 128 -6.23 0.42 23.69
C ASN A 128 -6.06 -1.08 23.94
N SER A 129 -5.07 -1.68 23.28
CA SER A 129 -4.58 -3.00 23.66
C SER A 129 -3.81 -2.92 24.98
N THR A 144 -14.72 -2.09 23.10
CA THR A 144 -14.47 -2.07 21.66
C THR A 144 -14.63 -0.65 21.07
N SER A 145 -13.50 -0.08 20.63
CA SER A 145 -13.34 1.36 20.36
C SER A 145 -13.49 2.16 21.67
N THR A 146 -13.25 1.51 22.82
CA THR A 146 -13.51 2.13 24.11
C THR A 146 -12.82 3.48 24.19
N MET A 147 -11.50 3.53 23.98
CA MET A 147 -10.73 4.79 24.03
C MET A 147 -11.47 5.93 23.32
N GLU A 148 -11.92 5.67 22.08
CA GLU A 148 -12.59 6.70 21.27
C GLU A 148 -13.93 7.12 21.86
N GLN A 149 -14.73 6.15 22.28
CA GLN A 149 -15.93 6.47 23.04
C GLN A 149 -15.65 7.31 24.31
N HIS A 150 -14.57 7.01 25.04
CA HIS A 150 -14.11 7.87 26.14
C HIS A 150 -13.77 9.29 25.67
N HIS A 151 -12.93 9.39 24.62
CA HIS A 151 -12.59 10.67 24.01
C HIS A 151 -13.88 11.45 23.71
N PHE A 152 -14.88 10.78 23.15
CA PHE A 152 -16.12 11.52 22.81
C PHE A 152 -16.91 11.98 24.04
N SER A 153 -16.87 11.15 25.09
CA SER A 153 -17.52 11.46 26.36
C SER A 153 -16.85 12.66 27.02
N GLN A 154 -15.51 12.65 27.04
CA GLN A 154 -14.73 13.82 27.50
C GLN A 154 -15.19 15.04 26.75
N THR A 155 -15.43 14.89 25.45
CA THR A 155 -15.84 16.04 24.62
C THR A 155 -17.21 16.59 25.06
N VAL A 156 -18.09 15.66 25.42
CA VAL A 156 -19.40 16.03 25.94
C VAL A 156 -19.23 16.77 27.26
N SER A 157 -18.44 16.23 28.18
CA SER A 157 -18.18 16.91 29.46
C SER A 157 -17.69 18.35 29.28
N ILE A 158 -16.64 18.54 28.49
CA ILE A 158 -16.14 19.89 28.21
C ILE A 158 -17.19 20.80 27.62
N LEU A 159 -18.05 20.23 26.77
CA LEU A 159 -19.10 21.05 26.18
C LEU A 159 -20.09 21.48 27.26
N GLN A 160 -20.44 20.55 28.13
CA GLN A 160 -21.49 20.81 29.09
C GLN A 160 -21.12 21.92 30.10
N LEU A 161 -19.83 22.03 30.44
CA LEU A 161 -19.27 23.09 31.30
C LEU A 161 -19.75 24.53 31.04
N GLU A 162 -19.66 25.35 32.09
CA GLU A 162 -20.14 26.74 32.11
C GLU A 162 -19.40 27.57 31.10
N GLY A 163 -20.15 28.37 30.32
CA GLY A 163 -19.58 29.24 29.30
C GLY A 163 -18.82 28.47 28.23
N HIS A 164 -18.98 27.15 28.20
CA HIS A 164 -18.20 26.28 27.31
C HIS A 164 -18.96 25.73 26.10
N ASN A 165 -20.28 25.78 26.14
CA ASN A 165 -21.06 25.25 25.02
C ASN A 165 -21.02 26.17 23.80
N ILE A 166 -20.00 25.97 22.98
CA ILE A 166 -19.77 26.71 21.74
C ILE A 166 -20.87 26.53 20.71
N PHE A 167 -21.78 25.60 20.96
CA PHE A 167 -22.88 25.36 20.03
C PHE A 167 -24.18 26.01 20.49
N SER A 168 -24.12 26.82 21.54
CA SER A 168 -25.33 27.39 22.15
C SER A 168 -26.21 28.12 21.13
N THR A 169 -25.59 28.84 20.20
CA THR A 169 -26.30 29.60 19.16
C THR A 169 -26.94 28.75 18.05
N LEU A 170 -26.97 27.44 18.22
CA LEU A 170 -27.54 26.58 17.19
C LEU A 170 -28.89 26.17 17.67
N SER A 171 -29.69 25.65 16.73
CA SER A 171 -30.99 25.06 17.01
C SER A 171 -30.87 23.76 17.80
N SER A 172 -32.03 23.16 18.03
CA SER A 172 -32.17 21.95 18.79
C SER A 172 -31.79 20.76 17.93
N SER A 173 -32.04 20.89 16.62
CA SER A 173 -31.69 19.83 15.68
C SER A 173 -30.34 20.06 15.01
N GLU A 174 -29.92 21.32 14.94
CA GLU A 174 -28.55 21.66 14.53
C GLU A 174 -27.55 21.11 15.56
N TYR A 175 -27.78 21.42 16.84
CA TYR A 175 -27.00 20.85 17.92
C TYR A 175 -27.04 19.33 17.79
N GLU A 176 -28.20 18.76 18.09
CA GLU A 176 -28.42 17.31 17.98
C GLU A 176 -28.22 16.85 16.54
N GLN A 177 -26.97 16.84 16.09
CA GLN A 177 -26.62 16.61 14.67
C GLN A 177 -25.13 16.88 14.45
N VAL A 178 -24.64 17.98 15.04
CA VAL A 178 -23.21 18.21 15.10
C VAL A 178 -22.61 17.26 16.13
N LEU A 179 -23.30 17.08 17.25
CA LEU A 179 -22.83 16.15 18.28
C LEU A 179 -22.61 14.80 17.66
N GLU A 180 -23.53 14.47 16.76
CA GLU A 180 -23.49 13.22 16.03
C GLU A 180 -22.36 13.22 14.99
N ILE A 181 -22.21 14.30 14.22
CA ILE A 181 -21.04 14.41 13.35
C ILE A 181 -19.72 14.20 14.12
N ILE A 182 -19.64 14.77 15.32
CA ILE A 182 -18.46 14.70 16.16
C ILE A 182 -18.28 13.31 16.77
N ARG A 183 -19.35 12.69 17.23
CA ARG A 183 -19.20 11.33 17.79
C ARG A 183 -18.63 10.40 16.73
N LYS A 184 -19.24 10.42 15.57
CA LYS A 184 -18.88 9.52 14.46
C LYS A 184 -17.45 9.77 14.01
N ALA A 185 -17.07 11.06 13.93
CA ALA A 185 -15.72 11.44 13.54
C ALA A 185 -14.69 10.85 14.49
N ILE A 186 -14.99 10.92 15.78
CA ILE A 186 -14.02 10.60 16.81
C ILE A 186 -13.84 9.10 16.81
N ILE A 187 -14.95 8.39 16.86
CA ILE A 187 -14.94 6.96 16.79
C ILE A 187 -14.15 6.48 15.59
N ALA A 188 -14.44 7.09 14.45
CA ALA A 188 -13.75 6.71 13.23
C ALA A 188 -12.21 6.69 13.37
N THR A 189 -11.64 7.42 14.34
CA THR A 189 -10.16 7.46 14.56
C THR A 189 -9.57 6.19 15.17
N ASP A 190 -10.39 5.13 15.24
CA ASP A 190 -9.99 3.84 15.77
C ASP A 190 -9.55 3.03 14.59
N LEU A 191 -8.24 2.85 14.47
CA LEU A 191 -7.63 2.33 13.26
C LEU A 191 -8.17 0.95 12.90
N ALA A 192 -8.72 0.24 13.89
CA ALA A 192 -9.31 -1.08 13.63
C ALA A 192 -10.54 -1.02 12.70
N LEU A 193 -11.28 0.08 12.79
CA LEU A 193 -12.43 0.32 11.93
C LEU A 193 -12.01 0.88 10.58
N TYR A 194 -10.82 1.47 10.51
CA TYR A 194 -10.41 2.12 9.28
C TYR A 194 -10.45 1.10 8.12
N PHE A 195 -9.92 -0.11 8.39
CA PHE A 195 -9.70 -1.13 7.38
C PHE A 195 -11.00 -1.47 6.64
N GLY A 196 -12.06 -1.78 7.37
CA GLY A 196 -13.30 -2.23 6.78
C GLY A 196 -13.96 -1.07 6.12
N ASN A 197 -13.78 0.12 6.69
CA ASN A 197 -14.36 1.32 6.10
C ASN A 197 -13.74 1.66 4.75
N ARG A 198 -12.42 1.54 4.66
CA ARG A 198 -11.70 1.90 3.44
C ARG A 198 -11.98 0.88 2.33
N LYS A 199 -12.04 -0.40 2.72
CA LYS A 199 -12.52 -1.48 1.85
C LYS A 199 -13.92 -1.13 1.31
N GLN A 200 -14.84 -0.88 2.23
CA GLN A 200 -16.18 -0.44 1.87
C GLN A 200 -16.13 0.70 0.86
N LEU A 201 -15.38 1.75 1.19
CA LEU A 201 -15.28 2.86 0.28
C LEU A 201 -14.65 2.49 -1.08
N GLU A 202 -13.69 1.57 -1.07
CA GLU A 202 -13.06 1.10 -2.31
C GLU A 202 -14.14 0.57 -3.28
N GLU A 203 -14.85 -0.45 -2.81
CA GLU A 203 -15.97 -1.06 -3.52
C GLU A 203 -16.93 -0.01 -4.10
N MET A 204 -17.50 0.83 -3.23
CA MET A 204 -18.48 1.82 -3.64
C MET A 204 -17.94 2.61 -4.80
N TYR A 205 -16.76 3.20 -4.61
CA TYR A 205 -16.22 4.12 -5.57
C TYR A 205 -16.06 3.44 -6.91
N GLN A 206 -15.47 2.25 -6.87
CA GLN A 206 -15.21 1.55 -8.11
C GLN A 206 -16.49 1.09 -8.80
N THR A 207 -17.48 0.60 -8.06
CA THR A 207 -18.76 0.23 -8.68
C THR A 207 -19.55 1.45 -9.20
N GLY A 208 -19.11 2.65 -8.82
CA GLY A 208 -19.76 3.92 -9.22
C GLY A 208 -20.95 4.26 -8.34
N SER A 209 -21.10 3.51 -7.23
CA SER A 209 -22.28 3.59 -6.37
C SER A 209 -22.04 4.48 -5.15
N LEU A 210 -20.90 5.15 -5.11
CA LEU A 210 -20.64 6.06 -4.00
C LEU A 210 -21.52 7.30 -4.17
N ASN A 211 -22.40 7.52 -3.20
CA ASN A 211 -23.31 8.66 -3.23
C ASN A 211 -23.09 9.63 -2.06
N LEU A 212 -22.42 10.74 -2.34
CA LEU A 212 -22.29 11.81 -1.38
C LEU A 212 -23.60 12.36 -0.83
N ASN A 213 -24.72 12.20 -1.55
CA ASN A 213 -26.04 12.65 -1.04
C ASN A 213 -26.61 11.66 -0.03
N ASN A 214 -26.08 10.44 -0.05
CA ASN A 214 -26.37 9.43 0.97
C ASN A 214 -25.58 9.71 2.26
N GLN A 215 -26.31 9.98 3.34
CA GLN A 215 -25.74 10.31 4.66
C GLN A 215 -24.78 9.25 5.23
N SER A 216 -25.16 7.99 5.12
CA SER A 216 -24.28 6.87 5.48
C SER A 216 -22.96 6.79 4.63
N HIS A 217 -23.02 7.24 3.38
CA HIS A 217 -21.85 7.31 2.53
C HIS A 217 -21.00 8.49 2.93
N ARG A 218 -21.66 9.56 3.37
CA ARG A 218 -20.94 10.73 3.86
C ARG A 218 -20.09 10.36 5.06
N ASP A 219 -20.71 9.65 5.98
CA ASP A 219 -20.09 9.19 7.20
C ASP A 219 -18.85 8.35 6.90
N ARG A 220 -18.97 7.47 5.90
CA ARG A 220 -17.84 6.65 5.48
C ARG A 220 -16.63 7.51 5.02
N VAL A 221 -16.86 8.41 4.06
CA VAL A 221 -15.83 9.35 3.57
C VAL A 221 -15.24 10.16 4.73
N ILE A 222 -16.08 10.63 5.65
CA ILE A 222 -15.60 11.41 6.79
C ILE A 222 -14.71 10.55 7.67
N GLY A 223 -15.11 9.30 7.87
CA GLY A 223 -14.27 8.30 8.52
C GLY A 223 -12.86 8.30 7.96
N LEU A 224 -12.74 8.17 6.64
CA LEU A 224 -11.45 8.10 5.97
C LEU A 224 -10.69 9.37 6.16
N MET A 225 -11.41 10.49 6.20
CA MET A 225 -10.76 11.78 6.40
C MET A 225 -10.15 11.80 7.75
N MET A 226 -10.89 11.31 8.71
CA MET A 226 -10.40 11.26 10.07
C MET A 226 -9.13 10.39 10.12
N THR A 227 -9.10 9.25 9.43
CA THR A 227 -7.87 8.44 9.43
C THR A 227 -6.71 9.21 8.80
N ALA A 228 -6.98 9.80 7.66
CA ALA A 228 -5.97 10.50 6.90
C ALA A 228 -5.34 11.65 7.74
N CYS A 229 -6.16 12.35 8.51
CA CYS A 229 -5.68 13.36 9.44
C CYS A 229 -4.88 12.75 10.60
N ASP A 230 -5.49 11.77 11.27
CA ASP A 230 -4.83 11.11 12.39
C ASP A 230 -3.38 10.71 12.09
N LEU A 231 -3.15 10.26 10.86
CA LEU A 231 -1.89 9.65 10.46
C LEU A 231 -1.00 10.67 9.74
N CYS A 232 -1.46 11.90 9.65
CA CYS A 232 -0.80 12.88 8.77
C CYS A 232 0.68 13.18 9.00
N SER A 233 1.25 12.71 10.11
CA SER A 233 2.76 12.78 10.34
C SER A 233 3.53 12.15 9.25
N VAL A 234 2.93 11.17 8.57
CA VAL A 234 3.62 10.45 7.46
C VAL A 234 3.71 11.22 6.14
N THR A 235 2.98 12.32 6.06
CA THR A 235 2.85 13.19 4.92
C THR A 235 3.56 14.58 5.08
N LYS A 236 4.47 14.69 6.05
CA LYS A 236 5.19 15.98 6.24
C LYS A 236 6.49 15.87 5.48
N LEU A 237 7.33 16.90 5.57
CA LEU A 237 8.68 16.84 5.02
C LEU A 237 9.51 15.83 5.80
N TRP A 238 10.37 15.09 5.08
CA TRP A 238 11.30 14.12 5.70
C TRP A 238 11.95 14.46 7.07
N PRO A 239 12.60 15.65 7.19
CA PRO A 239 13.18 16.02 8.50
C PRO A 239 12.15 16.04 9.62
N VAL A 240 10.92 16.43 9.28
CA VAL A 240 9.84 16.44 10.28
C VAL A 240 9.29 15.03 10.48
N THR A 241 9.12 14.27 9.40
CA THR A 241 8.56 12.92 9.53
C THR A 241 9.39 12.01 10.48
N LYS A 242 10.72 12.06 10.26
CA LYS A 242 11.75 11.48 11.14
C LYS A 242 11.60 11.85 12.61
N LEU A 243 11.61 13.12 12.95
CA LEU A 243 11.58 13.42 14.38
C LEU A 243 10.29 12.86 15.00
N THR A 244 9.20 12.89 14.24
CA THR A 244 7.89 12.52 14.77
C THR A 244 7.70 11.03 14.96
N ALA A 245 8.31 10.22 14.10
CA ALA A 245 8.45 8.78 14.38
C ALA A 245 9.00 8.48 15.82
N ASN A 246 10.06 9.18 16.25
CA ASN A 246 10.64 9.04 17.62
C ASN A 246 9.63 9.25 18.75
N ASP A 247 8.62 10.09 18.47
CA ASP A 247 7.59 10.44 19.45
C ASP A 247 6.58 9.31 19.64
N ILE A 248 6.04 8.83 18.54
CA ILE A 248 5.19 7.66 18.61
C ILE A 248 5.94 6.49 19.31
N TYR A 249 7.14 6.16 18.81
CA TYR A 249 7.93 5.10 19.38
C TYR A 249 8.27 5.27 20.86
N ALA A 250 8.51 6.50 21.31
CA ALA A 250 8.79 6.76 22.74
C ALA A 250 7.60 6.39 23.66
N GLU A 251 6.40 6.28 23.08
CA GLU A 251 5.21 5.79 23.81
C GLU A 251 5.02 4.27 23.79
N PHE A 252 5.28 3.60 22.67
CA PHE A 252 5.23 2.15 22.62
C PHE A 252 6.20 1.57 23.66
N TRP A 253 7.42 2.13 23.68
CA TRP A 253 8.52 1.75 24.54
C TRP A 253 8.25 2.03 25.99
N ALA A 254 7.67 3.21 26.29
CA ALA A 254 7.37 3.48 27.69
C ALA A 254 6.29 2.51 28.18
N GLU A 255 5.38 2.09 27.29
CA GLU A 255 4.38 1.08 27.64
C GLU A 255 5.02 -0.30 27.77
N GLY A 256 5.97 -0.60 26.88
CA GLY A 256 6.66 -1.86 26.94
C GLY A 256 7.46 -2.00 28.20
N ASP A 257 7.96 -0.87 28.71
CA ASP A 257 8.66 -0.86 29.97
C ASP A 257 7.70 -1.26 31.10
N GLU A 258 6.44 -0.81 30.99
CA GLU A 258 5.41 -1.10 31.98
C GLU A 258 5.06 -2.57 31.91
N MET A 259 5.22 -3.13 30.72
CA MET A 259 5.26 -4.59 30.59
C MET A 259 6.49 -5.18 31.34
N LYS A 260 7.72 -4.88 30.91
CA LYS A 260 8.94 -5.37 31.60
C LYS A 260 8.91 -5.30 33.13
N LYS A 261 8.33 -4.25 33.69
CA LYS A 261 8.37 -4.01 35.13
C LYS A 261 7.68 -5.12 35.94
N LEU A 262 6.88 -5.94 35.26
CA LEU A 262 6.31 -7.17 35.79
C LEU A 262 6.91 -8.39 35.04
N GLY A 263 8.21 -8.37 34.73
CA GLY A 263 8.88 -9.45 33.94
C GLY A 263 8.33 -9.85 32.55
N ILE A 264 7.21 -9.24 32.16
CA ILE A 264 6.54 -9.45 30.86
C ILE A 264 7.43 -9.08 29.65
N GLN A 265 7.27 -9.82 28.56
CA GLN A 265 7.84 -9.43 27.27
C GLN A 265 6.89 -8.52 26.51
N PRO A 266 7.40 -7.32 26.15
CA PRO A 266 6.69 -6.45 25.23
C PRO A 266 6.87 -6.97 23.81
N ILE A 267 5.81 -6.93 23.01
CA ILE A 267 5.93 -7.20 21.58
C ILE A 267 7.09 -6.33 20.98
N PRO A 268 7.75 -6.78 19.89
CA PRO A 268 9.09 -6.21 19.61
C PRO A 268 9.09 -4.73 19.22
N MET A 269 7.91 -4.19 19.00
CA MET A 269 7.69 -2.80 18.66
C MET A 269 7.80 -1.92 19.92
N MET A 270 7.37 -2.49 21.04
CA MET A 270 7.29 -1.79 22.33
C MET A 270 8.53 -2.04 23.21
N ASP A 271 9.57 -2.64 22.62
CA ASP A 271 10.85 -2.84 23.28
C ASP A 271 11.89 -1.87 22.71
N ARG A 272 12.38 -0.96 23.55
CA ARG A 272 13.37 0.01 23.13
C ARG A 272 14.80 -0.57 22.98
N ASP A 273 15.01 -1.82 23.40
CA ASP A 273 16.25 -2.56 23.10
C ASP A 273 16.37 -2.85 21.60
N LYS A 274 15.23 -3.18 20.98
CA LYS A 274 15.18 -3.42 19.55
C LYS A 274 14.85 -2.12 18.78
N LYS A 275 15.62 -1.07 19.03
CA LYS A 275 15.39 0.26 18.44
C LYS A 275 15.65 0.39 16.93
N ASP A 276 16.48 -0.47 16.36
CA ASP A 276 16.84 -0.30 14.97
C ASP A 276 15.90 -1.15 14.11
N GLU A 277 14.82 -1.63 14.74
CA GLU A 277 13.73 -2.28 14.05
C GLU A 277 12.91 -1.24 13.29
N VAL A 278 12.89 -0.02 13.82
CA VAL A 278 11.96 1.06 13.43
C VAL A 278 11.77 1.39 11.93
N PRO A 279 12.85 1.49 11.14
CA PRO A 279 12.57 1.84 9.74
C PRO A 279 11.80 0.76 8.96
N GLN A 280 12.07 -0.50 9.28
CA GLN A 280 11.35 -1.59 8.65
C GLN A 280 9.89 -1.54 9.10
N GLY A 281 9.68 -1.25 10.38
CA GLY A 281 8.35 -1.09 10.94
C GLY A 281 7.60 0.03 10.22
N GLN A 282 8.27 1.17 10.03
CA GLN A 282 7.70 2.29 9.29
C GLN A 282 7.32 1.90 7.85
N LEU A 283 8.27 1.31 7.12
CA LEU A 283 7.96 0.79 5.77
C LEU A 283 6.74 -0.13 5.74
N GLY A 284 6.70 -1.13 6.62
CA GLY A 284 5.55 -2.03 6.75
C GLY A 284 4.25 -1.26 6.86
N PHE A 285 4.23 -0.34 7.84
CA PHE A 285 3.09 0.48 8.20
C PHE A 285 2.64 1.40 7.04
N TYR A 286 3.61 1.89 6.29
CA TYR A 286 3.29 2.74 5.17
C TYR A 286 2.62 1.88 4.11
N ASN A 287 3.14 0.67 3.94
CA ASN A 287 2.61 -0.20 2.88
C ASN A 287 1.24 -0.78 3.23
N ALA A 288 1.06 -1.14 4.50
CA ALA A 288 -0.17 -1.80 4.90
C ALA A 288 -1.26 -0.83 5.26
N VAL A 289 -0.89 0.38 5.68
CA VAL A 289 -1.90 1.19 6.32
C VAL A 289 -2.01 2.54 5.63
N ALA A 290 -0.88 3.24 5.61
CA ALA A 290 -0.90 4.63 5.23
C ALA A 290 -1.15 4.85 3.74
N ILE A 291 -0.40 4.15 2.88
CA ILE A 291 -0.60 4.29 1.43
C ILE A 291 -2.01 3.93 1.00
N PRO A 292 -2.52 2.75 1.41
CA PRO A 292 -3.91 2.52 1.03
C PRO A 292 -4.83 3.67 1.44
N CYS A 293 -4.68 4.16 2.67
CA CYS A 293 -5.55 5.22 3.21
C CYS A 293 -5.59 6.46 2.29
N TYR A 294 -4.40 7.03 2.02
CA TYR A 294 -4.32 8.20 1.21
C TYR A 294 -4.65 7.89 -0.23
N THR A 295 -4.33 6.66 -0.65
CA THR A 295 -4.71 6.22 -2.02
C THR A 295 -6.20 6.38 -2.21
N THR A 296 -7.00 5.76 -1.34
CA THR A 296 -8.46 5.81 -1.48
C THR A 296 -8.99 7.21 -1.34
N LEU A 297 -8.54 7.92 -0.31
CA LEU A 297 -8.95 9.32 -0.09
C LEU A 297 -8.71 10.18 -1.35
N THR A 298 -7.49 10.13 -1.91
CA THR A 298 -7.19 10.84 -3.17
C THR A 298 -8.23 10.48 -4.28
N GLN A 299 -8.65 9.23 -4.33
CA GLN A 299 -9.60 8.83 -5.33
C GLN A 299 -11.01 9.42 -5.10
N ILE A 300 -11.44 9.49 -3.85
CA ILE A 300 -12.72 10.12 -3.56
C ILE A 300 -12.64 11.66 -3.58
N LEU A 301 -11.51 12.20 -3.12
CA LEU A 301 -11.30 13.65 -3.04
C LEU A 301 -9.99 14.05 -3.74
N PRO A 302 -9.97 14.05 -5.08
CA PRO A 302 -8.72 14.37 -5.80
C PRO A 302 -7.86 15.55 -5.28
N PRO A 303 -8.47 16.62 -4.71
CA PRO A 303 -7.57 17.68 -4.22
C PRO A 303 -6.68 17.32 -3.01
N THR A 304 -6.88 16.15 -2.38
CA THR A 304 -5.98 15.67 -1.29
C THR A 304 -4.79 14.85 -1.80
N GLU A 305 -4.66 14.80 -3.12
CA GLU A 305 -3.51 14.18 -3.76
C GLU A 305 -2.16 14.49 -3.03
N PRO A 306 -1.95 15.75 -2.59
CA PRO A 306 -0.61 16.03 -2.10
C PRO A 306 -0.22 15.24 -0.85
N LEU A 307 -1.20 14.76 -0.07
CA LEU A 307 -0.94 13.86 1.03
C LEU A 307 -0.38 12.53 0.55
N LEU A 308 -1.00 11.94 -0.46
CA LEU A 308 -0.50 10.73 -1.07
C LEU A 308 0.92 10.89 -1.59
N LYS A 309 1.20 12.03 -2.20
CA LYS A 309 2.50 12.25 -2.78
C LYS A 309 3.58 12.33 -1.70
N ALA A 310 3.28 13.08 -0.63
CA ALA A 310 4.16 13.22 0.51
C ALA A 310 4.38 11.85 1.21
N CYS A 311 3.31 11.07 1.31
CA CYS A 311 3.40 9.79 1.96
C CYS A 311 4.38 8.91 1.18
N ARG A 312 4.21 8.88 -0.15
CA ARG A 312 5.12 8.15 -1.05
C ARG A 312 6.57 8.62 -0.93
N ASP A 313 6.74 9.93 -0.84
CA ASP A 313 8.08 10.47 -0.70
C ASP A 313 8.74 9.94 0.57
N ASN A 314 8.00 9.92 1.68
CA ASN A 314 8.55 9.41 2.93
C ASN A 314 8.74 7.91 2.94
N LEU A 315 7.85 7.17 2.26
CA LEU A 315 8.07 5.74 2.05
C LEU A 315 9.43 5.53 1.43
N SER A 316 9.71 6.32 0.40
CA SER A 316 10.93 6.21 -0.35
C SER A 316 12.12 6.51 0.55
N GLN A 317 11.97 7.45 1.50
CA GLN A 317 13.03 7.73 2.50
C GLN A 317 13.35 6.59 3.47
N TRP A 318 12.31 5.92 3.94
CA TRP A 318 12.49 4.83 4.86
C TRP A 318 13.24 3.66 4.17
N GLU A 319 12.93 3.41 2.89
CA GLU A 319 13.67 2.43 2.11
C GLU A 319 15.16 2.71 2.18
N LYS A 320 15.51 3.99 2.04
CA LYS A 320 16.90 4.39 1.97
C LYS A 320 17.58 4.16 3.30
N VAL A 321 16.88 4.38 4.41
CA VAL A 321 17.47 4.10 5.71
C VAL A 321 17.73 2.61 5.83
N ILE A 322 16.74 1.82 5.43
CA ILE A 322 16.84 0.37 5.46
C ILE A 322 17.98 -0.12 4.57
N ARG A 323 18.06 0.42 3.36
CA ARG A 323 19.14 0.06 2.44
C ARG A 323 20.45 0.74 2.85
N GLY A 324 20.47 1.46 3.97
CA GLY A 324 21.68 2.09 4.49
C GLY A 324 22.23 3.30 3.73
N GLU A 325 21.33 4.19 3.29
CA GLU A 325 21.70 5.38 2.49
C GLU A 325 21.30 6.70 3.14
N MET B 4 -14.13 -12.97 -22.65
CA MET B 4 -12.93 -12.08 -22.53
C MET B 4 -13.28 -10.63 -22.23
N SER B 5 -12.81 -10.11 -21.10
CA SER B 5 -13.11 -8.73 -20.70
C SER B 5 -12.36 -7.72 -21.56
N ILE B 6 -13.09 -6.78 -22.15
CA ILE B 6 -12.46 -5.71 -22.94
C ILE B 6 -12.51 -4.40 -22.14
N CYS B 7 -11.41 -3.67 -22.14
CA CYS B 7 -11.37 -2.38 -21.49
C CYS B 7 -12.22 -1.37 -22.24
N THR B 8 -12.90 -0.54 -21.48
CA THR B 8 -13.63 0.61 -21.99
C THR B 8 -12.66 1.52 -22.73
N SER B 9 -13.17 2.23 -23.73
CA SER B 9 -12.40 3.28 -24.42
C SER B 9 -11.74 4.22 -23.43
N GLU B 10 -12.49 4.57 -22.39
CA GLU B 10 -12.06 5.58 -21.42
C GLU B 10 -10.80 5.19 -20.65
N GLU B 11 -10.64 3.89 -20.37
CA GLU B 11 -9.46 3.38 -19.66
C GLU B 11 -8.19 3.41 -20.49
N TRP B 12 -8.22 2.85 -21.70
CA TRP B 12 -7.02 2.86 -22.55
C TRP B 12 -6.57 4.23 -23.07
N GLN B 13 -7.50 5.19 -23.12
CA GLN B 13 -7.15 6.56 -23.48
C GLN B 13 -6.42 7.22 -22.33
N GLY B 14 -6.95 7.03 -21.11
CA GLY B 14 -6.28 7.47 -19.90
C GLY B 14 -4.81 7.08 -19.93
N LEU B 15 -4.56 5.81 -20.20
CA LEU B 15 -3.20 5.30 -20.30
C LEU B 15 -2.30 6.13 -21.21
N MET B 16 -2.63 6.25 -22.50
CA MET B 16 -1.70 6.93 -23.42
C MET B 16 -1.42 8.36 -23.03
N GLN B 17 -2.29 8.91 -22.20
CA GLN B 17 -2.10 10.24 -21.62
C GLN B 17 -1.15 10.20 -20.44
N PHE B 18 -1.10 9.07 -19.73
CA PHE B 18 -0.22 8.93 -18.56
C PHE B 18 1.23 9.17 -18.94
N THR B 19 1.90 10.07 -18.21
CA THR B 19 3.38 10.22 -18.15
C THR B 19 3.85 9.69 -16.78
N LEU B 20 5.15 9.41 -16.64
CA LEU B 20 5.71 8.96 -15.36
C LEU B 20 6.62 10.02 -14.75
N PRO B 21 6.40 10.33 -13.46
CA PRO B 21 7.28 11.24 -12.74
C PRO B 21 8.72 10.80 -12.83
N VAL B 22 9.60 11.76 -12.89
CA VAL B 22 11.01 11.56 -13.14
C VAL B 22 11.72 10.81 -12.00
N ARG B 23 11.26 10.99 -10.77
CA ARG B 23 11.92 10.28 -9.65
C ARG B 23 11.80 8.76 -9.79
N LEU B 24 10.66 8.31 -10.31
CA LEU B 24 10.37 6.88 -10.45
C LEU B 24 11.17 6.24 -11.57
N CYS B 25 11.53 7.05 -12.58
CA CYS B 25 12.40 6.63 -13.66
C CYS B 25 13.77 6.13 -13.17
N LYS B 26 14.37 6.77 -12.17
CA LYS B 26 15.59 6.23 -11.61
C LYS B 26 15.34 4.89 -10.93
N GLU B 27 14.32 4.84 -10.09
CA GLU B 27 14.11 3.73 -9.15
C GLU B 27 13.62 2.45 -9.85
N ILE B 28 12.93 2.66 -10.95
CA ILE B 28 12.37 1.57 -11.67
C ILE B 28 13.47 0.60 -12.16
N GLU B 29 14.66 1.14 -12.44
CA GLU B 29 15.78 0.34 -12.95
C GLU B 29 16.38 -0.67 -11.99
N LEU B 30 16.11 -0.52 -10.70
CA LEU B 30 16.76 -1.36 -9.71
C LEU B 30 15.96 -2.58 -9.41
N PHE B 31 16.67 -3.64 -9.04
CA PHE B 31 16.07 -4.94 -8.83
C PHE B 31 15.05 -4.97 -7.69
N HIS B 32 15.26 -4.14 -6.66
CA HIS B 32 14.48 -4.21 -5.41
C HIS B 32 13.25 -3.30 -5.39
N PHE B 33 13.09 -2.53 -6.46
CA PHE B 33 11.99 -1.60 -6.65
C PHE B 33 10.66 -2.30 -6.36
N ASP B 34 9.85 -1.68 -5.52
CA ASP B 34 8.55 -2.22 -5.19
C ASP B 34 7.51 -1.33 -5.86
N ILE B 35 6.71 -1.89 -6.76
CA ILE B 35 5.60 -1.15 -7.43
C ILE B 35 4.40 -0.97 -6.49
N GLY B 36 4.44 -1.62 -5.31
CA GLY B 36 3.32 -1.65 -4.33
C GLY B 36 2.61 -0.32 -4.10
N PRO B 37 3.37 0.76 -3.86
CA PRO B 37 2.78 2.06 -3.53
C PRO B 37 2.22 2.87 -4.72
N PHE B 38 2.14 2.31 -5.93
CA PHE B 38 1.82 3.15 -7.10
C PHE B 38 0.74 2.56 -7.97
N GLU B 39 -0.27 1.97 -7.35
CA GLU B 39 -1.30 1.24 -8.07
C GLU B 39 -1.87 1.94 -9.31
N ASN B 40 -2.19 3.22 -9.21
CA ASN B 40 -2.78 3.94 -10.35
C ASN B 40 -1.81 3.98 -11.52
N MET B 41 -0.51 4.08 -11.20
CA MET B 41 0.58 4.02 -12.17
C MET B 41 0.98 2.69 -12.82
N TRP B 42 0.52 1.52 -12.33
CA TRP B 42 1.08 0.24 -12.83
C TRP B 42 0.94 0.08 -14.35
N PRO B 43 -0.27 0.34 -14.91
CA PRO B 43 -0.38 0.14 -16.36
C PRO B 43 0.64 0.98 -17.10
N GLY B 44 0.89 2.18 -16.59
CA GLY B 44 1.76 3.14 -17.24
C GLY B 44 3.22 2.81 -17.05
N ILE B 45 3.55 2.19 -15.91
CA ILE B 45 4.89 1.75 -15.63
C ILE B 45 5.26 0.67 -16.61
N PHE B 46 4.29 -0.19 -16.90
CA PHE B 46 4.55 -1.22 -17.85
C PHE B 46 4.90 -0.58 -19.19
N VAL B 47 4.00 0.22 -19.75
CA VAL B 47 4.24 0.95 -21.02
C VAL B 47 5.64 1.56 -20.98
N TYR B 48 5.97 2.20 -19.88
CA TYR B 48 7.27 2.84 -19.80
C TYR B 48 8.36 1.79 -19.94
N MET B 49 8.18 0.64 -19.29
CA MET B 49 9.19 -0.42 -19.37
C MET B 49 9.34 -0.97 -20.77
N VAL B 50 8.22 -1.12 -21.48
CA VAL B 50 8.23 -1.59 -22.83
C VAL B 50 8.93 -0.54 -23.70
N HIS B 51 8.56 0.73 -23.58
CA HIS B 51 9.15 1.80 -24.41
C HIS B 51 10.66 1.95 -24.21
N ARG B 52 11.13 1.75 -22.98
CA ARG B 52 12.55 1.80 -22.68
C ARG B 52 13.31 0.56 -23.15
N SER B 53 12.77 -0.65 -22.92
CA SER B 53 13.55 -1.86 -23.23
C SER B 53 13.65 -2.07 -24.74
N CYS B 54 12.58 -1.63 -25.44
CA CYS B 54 12.23 -1.92 -26.84
C CYS B 54 12.17 -0.75 -27.85
N GLY B 55 12.08 0.48 -27.34
CA GLY B 55 12.07 1.63 -28.21
C GLY B 55 10.74 2.37 -28.27
N THR B 56 10.89 3.69 -28.40
CA THR B 56 9.77 4.65 -28.41
C THR B 56 8.58 4.12 -29.22
N SER B 57 8.85 3.58 -30.41
CA SER B 57 7.78 3.10 -31.29
C SER B 57 7.84 1.59 -31.47
N CYS B 58 7.94 0.87 -30.35
CA CYS B 58 8.05 -0.57 -30.42
C CYS B 58 6.76 -1.25 -30.92
N PHE B 59 5.61 -0.82 -30.38
CA PHE B 59 4.29 -1.25 -30.84
C PHE B 59 3.51 0.01 -31.21
N GLU B 60 2.32 -0.14 -31.78
CA GLU B 60 1.41 1.01 -31.91
C GLU B 60 0.80 1.36 -30.55
N LEU B 61 1.02 2.61 -30.13
CA LEU B 61 0.76 3.01 -28.76
C LEU B 61 -0.72 3.04 -28.42
N GLU B 62 -1.54 2.65 -29.38
CA GLU B 62 -2.97 2.51 -29.14
C GLU B 62 -3.30 1.04 -28.90
N LYS B 63 -2.68 0.17 -29.69
CA LYS B 63 -2.89 -1.25 -29.56
C LYS B 63 -2.22 -1.72 -28.28
N LEU B 64 -1.14 -1.06 -27.90
CA LEU B 64 -0.47 -1.42 -26.67
C LEU B 64 -1.38 -1.07 -25.47
N CYS B 65 -1.69 0.21 -25.30
CA CYS B 65 -2.62 0.63 -24.26
C CYS B 65 -3.91 -0.18 -24.18
N ARG B 66 -4.53 -0.45 -25.33
CA ARG B 66 -5.73 -1.30 -25.39
C ARG B 66 -5.46 -2.62 -24.65
N PHE B 67 -4.36 -3.24 -25.07
CA PHE B 67 -3.96 -4.59 -24.69
C PHE B 67 -3.71 -4.66 -23.19
N ILE B 68 -2.96 -3.69 -22.68
CA ILE B 68 -2.65 -3.62 -21.27
C ILE B 68 -3.93 -3.59 -20.43
N MET B 69 -4.73 -2.54 -20.63
CA MET B 69 -5.96 -2.34 -19.87
C MET B 69 -6.92 -3.54 -20.01
N SER B 70 -7.00 -4.13 -21.20
CA SER B 70 -7.70 -5.38 -21.28
C SER B 70 -7.05 -6.49 -20.43
N VAL B 71 -5.72 -6.54 -20.36
CA VAL B 71 -5.04 -7.59 -19.57
C VAL B 71 -5.36 -7.45 -18.08
N LYS B 72 -5.37 -6.21 -17.60
CA LYS B 72 -5.68 -5.89 -16.22
C LYS B 72 -7.06 -6.47 -15.91
N LYS B 73 -8.04 -6.01 -16.69
CA LYS B 73 -9.40 -6.51 -16.68
C LYS B 73 -9.57 -8.04 -16.68
N ASN B 74 -8.58 -8.80 -17.15
CA ASN B 74 -8.76 -10.28 -17.06
C ASN B 74 -7.94 -11.01 -16.00
N TYR B 75 -7.35 -10.22 -15.10
CA TYR B 75 -6.86 -10.72 -13.82
C TYR B 75 -8.00 -10.58 -12.82
N ARG B 76 -8.21 -11.63 -12.03
CA ARG B 76 -9.28 -11.64 -11.05
C ARG B 76 -8.90 -10.86 -9.77
N ARG B 77 -9.76 -10.92 -8.76
CA ARG B 77 -9.53 -10.23 -7.48
C ARG B 77 -9.19 -11.27 -6.43
N VAL B 78 -8.20 -12.10 -6.74
CA VAL B 78 -7.71 -13.09 -5.81
C VAL B 78 -6.63 -12.46 -4.92
N PRO B 79 -6.37 -13.03 -3.73
CA PRO B 79 -5.45 -12.22 -2.91
C PRO B 79 -4.08 -12.04 -3.51
N TYR B 80 -3.64 -12.99 -4.33
CA TYR B 80 -2.25 -12.95 -4.75
C TYR B 80 -1.97 -12.97 -6.26
N HIS B 81 -2.48 -13.97 -6.97
CA HIS B 81 -2.26 -14.07 -8.40
C HIS B 81 -3.16 -13.09 -9.15
N ASN B 82 -2.96 -11.80 -8.89
CA ASN B 82 -3.79 -10.72 -9.45
C ASN B 82 -2.91 -9.76 -10.26
N TRP B 83 -3.50 -8.64 -10.67
CA TRP B 83 -2.88 -7.63 -11.47
C TRP B 83 -1.54 -7.11 -10.89
N LYS B 84 -1.47 -7.00 -9.56
CA LYS B 84 -0.26 -6.50 -8.90
C LYS B 84 0.92 -7.45 -9.02
N HIS B 85 0.66 -8.74 -8.91
CA HIS B 85 1.66 -9.74 -9.19
C HIS B 85 2.16 -9.70 -10.66
N ALA B 86 1.20 -9.57 -11.58
CA ALA B 86 1.52 -9.45 -12.99
C ALA B 86 2.61 -8.40 -13.23
N VAL B 87 2.38 -7.18 -12.74
CA VAL B 87 3.28 -6.09 -12.99
C VAL B 87 4.62 -6.24 -12.23
N THR B 88 4.55 -6.74 -11.00
CA THR B 88 5.77 -7.07 -10.26
C THR B 88 6.65 -8.03 -11.05
N VAL B 89 6.03 -9.12 -11.53
CA VAL B 89 6.75 -10.06 -12.36
C VAL B 89 7.37 -9.43 -13.62
N ALA B 90 6.58 -8.62 -14.33
CA ALA B 90 7.13 -7.86 -15.48
C ALA B 90 8.35 -6.97 -15.17
N HIS B 91 8.27 -6.21 -14.07
CA HIS B 91 9.35 -5.31 -13.67
C HIS B 91 10.63 -6.10 -13.33
N CYS B 92 10.50 -7.24 -12.66
CA CYS B 92 11.69 -8.00 -12.40
C CYS B 92 12.35 -8.38 -13.73
N MET B 93 11.54 -8.61 -14.75
CA MET B 93 12.02 -9.05 -16.04
C MET B 93 12.70 -7.90 -16.73
N TYR B 94 12.05 -6.74 -16.67
CA TYR B 94 12.59 -5.52 -17.23
C TYR B 94 14.02 -5.30 -16.68
N ALA B 95 14.11 -5.40 -15.37
CA ALA B 95 15.37 -5.26 -14.63
C ALA B 95 16.48 -6.20 -15.06
N ILE B 96 16.15 -7.46 -15.31
CA ILE B 96 17.14 -8.45 -15.74
C ILE B 96 17.56 -8.16 -17.18
N LEU B 97 16.57 -7.88 -18.02
CA LEU B 97 16.82 -7.59 -19.40
C LEU B 97 17.64 -6.32 -19.56
N GLN B 98 17.25 -5.23 -18.90
CA GLN B 98 18.08 -4.00 -18.90
C GLN B 98 19.53 -4.26 -18.45
N ASN B 99 19.75 -5.13 -17.47
CA ASN B 99 21.12 -5.50 -17.10
C ASN B 99 21.76 -6.57 -17.99
N ASN B 100 21.02 -7.14 -18.93
CA ASN B 100 21.66 -8.12 -19.80
C ASN B 100 21.28 -7.84 -21.24
N HIS B 101 21.18 -6.55 -21.58
CA HIS B 101 20.38 -6.13 -22.73
C HIS B 101 20.67 -6.88 -24.03
N THR B 102 21.95 -6.98 -24.35
CA THR B 102 22.34 -7.43 -25.68
C THR B 102 22.45 -8.96 -25.79
N LEU B 103 22.27 -9.64 -24.65
CA LEU B 103 22.11 -11.09 -24.65
C LEU B 103 20.81 -11.53 -25.39
N PHE B 104 19.88 -10.59 -25.61
CA PHE B 104 18.54 -10.93 -26.06
C PHE B 104 18.08 -10.08 -27.23
N THR B 105 17.40 -10.70 -28.16
CA THR B 105 16.97 -10.01 -29.31
C THR B 105 15.79 -9.13 -28.94
N ASP B 106 15.52 -8.14 -29.78
CA ASP B 106 14.38 -7.29 -29.64
C ASP B 106 13.15 -8.16 -29.54
N LEU B 107 13.04 -9.18 -30.40
CA LEU B 107 11.90 -10.09 -30.38
C LEU B 107 11.65 -10.67 -28.99
N GLU B 108 12.73 -11.11 -28.36
CA GLU B 108 12.69 -11.71 -27.06
C GLU B 108 12.25 -10.74 -25.97
N ARG B 109 12.87 -9.58 -25.96
CA ARG B 109 12.56 -8.62 -24.94
C ARG B 109 11.10 -8.23 -25.03
N LYS B 110 10.59 -8.17 -26.24
CA LYS B 110 9.18 -7.92 -26.47
C LYS B 110 8.39 -9.10 -25.95
N GLY B 111 8.84 -10.28 -26.32
CA GLY B 111 8.10 -11.47 -25.98
C GLY B 111 8.07 -11.66 -24.50
N LEU B 112 9.21 -11.44 -23.84
CA LEU B 112 9.31 -11.78 -22.43
C LEU B 112 8.58 -10.80 -21.56
N LEU B 113 8.65 -9.52 -21.90
CA LEU B 113 7.89 -8.54 -21.12
C LEU B 113 6.39 -8.76 -21.20
N ILE B 114 5.86 -8.95 -22.41
CA ILE B 114 4.43 -9.24 -22.56
C ILE B 114 4.05 -10.55 -21.88
N ALA B 115 4.95 -11.53 -21.95
CA ALA B 115 4.69 -12.82 -21.36
C ALA B 115 4.63 -12.72 -19.83
N CYS B 116 5.46 -11.85 -19.27
CA CYS B 116 5.45 -11.68 -17.82
C CYS B 116 4.14 -11.07 -17.38
N LEU B 117 3.67 -10.08 -18.13
CA LEU B 117 2.43 -9.41 -17.77
C LEU B 117 1.19 -10.34 -17.88
N CYS B 118 1.31 -11.41 -18.66
CA CYS B 118 0.16 -12.26 -18.90
C CYS B 118 0.26 -13.61 -18.24
N HIS B 119 1.36 -13.89 -17.56
CA HIS B 119 1.71 -15.26 -17.20
C HIS B 119 0.75 -15.93 -16.22
N ASP B 120 -0.06 -15.15 -15.50
CA ASP B 120 -1.04 -15.77 -14.62
C ASP B 120 -2.45 -15.34 -15.04
N LEU B 121 -2.63 -14.98 -16.30
CA LEU B 121 -3.92 -14.44 -16.77
C LEU B 121 -5.12 -15.29 -16.34
N ASP B 122 -6.18 -14.62 -15.91
CA ASP B 122 -7.39 -15.29 -15.43
C ASP B 122 -7.12 -16.35 -14.35
N HIS B 123 -6.16 -16.10 -13.45
CA HIS B 123 -5.89 -17.09 -12.42
C HIS B 123 -7.11 -17.17 -11.49
N ARG B 124 -7.35 -18.33 -10.93
CA ARG B 124 -8.54 -18.54 -10.11
C ARG B 124 -8.22 -18.62 -8.63
N GLY B 125 -6.95 -18.83 -8.31
CA GLY B 125 -6.49 -18.87 -6.95
C GLY B 125 -6.34 -20.29 -6.49
N PHE B 126 -6.40 -21.24 -7.42
CA PHE B 126 -6.23 -22.66 -7.09
C PHE B 126 -5.02 -23.26 -7.79
N SER B 127 -4.36 -24.21 -7.11
CA SER B 127 -3.17 -24.89 -7.60
C SER B 127 -3.50 -25.83 -8.77
N ASN B 128 -2.48 -26.20 -9.54
CA ASN B 128 -2.61 -27.20 -10.60
C ASN B 128 -2.92 -28.54 -9.92
N SER B 129 -2.43 -28.71 -8.70
CA SER B 129 -2.69 -29.89 -7.91
C SER B 129 -4.20 -30.07 -7.69
N TYR B 130 -4.81 -29.09 -7.04
CA TYR B 130 -6.25 -29.05 -6.80
C TYR B 130 -7.11 -29.18 -8.08
N LEU B 131 -6.62 -28.68 -9.20
CA LEU B 131 -7.42 -28.70 -10.41
C LEU B 131 -7.48 -30.07 -11.06
N GLN B 132 -6.41 -30.84 -10.86
CA GLN B 132 -6.22 -32.18 -11.41
C GLN B 132 -6.74 -33.25 -10.47
N LYS B 133 -6.66 -33.00 -9.17
CA LYS B 133 -7.16 -33.94 -8.16
C LYS B 133 -8.65 -33.77 -7.88
N PHE B 134 -9.28 -32.82 -8.55
CA PHE B 134 -10.71 -32.56 -8.40
C PHE B 134 -11.25 -32.35 -9.79
N ASP B 135 -10.46 -32.81 -10.77
CA ASP B 135 -10.81 -32.92 -12.20
C ASP B 135 -11.63 -31.77 -12.77
N HIS B 136 -11.12 -30.55 -12.63
CA HIS B 136 -11.76 -29.38 -13.23
C HIS B 136 -11.86 -29.56 -14.77
N PRO B 137 -12.70 -28.73 -15.45
CA PRO B 137 -12.68 -28.63 -16.92
C PRO B 137 -11.26 -28.53 -17.50
N LEU B 138 -10.54 -27.50 -17.05
CA LEU B 138 -9.16 -27.22 -17.46
C LEU B 138 -8.17 -28.38 -17.28
N ALA B 139 -8.28 -29.12 -16.18
CA ALA B 139 -7.30 -30.18 -15.88
C ALA B 139 -7.40 -31.39 -16.81
N ALA B 140 -8.62 -31.65 -17.30
CA ALA B 140 -8.83 -32.67 -18.32
C ALA B 140 -8.32 -32.13 -19.66
N LEU B 141 -8.61 -30.84 -19.90
CA LEU B 141 -8.03 -30.05 -21.01
C LEU B 141 -6.47 -30.05 -21.06
N TYR B 142 -5.81 -29.83 -19.92
CA TYR B 142 -4.36 -29.88 -19.88
C TYR B 142 -3.91 -30.67 -18.66
N SER B 143 -3.19 -31.74 -18.88
CA SER B 143 -2.91 -32.71 -17.83
C SER B 143 -1.65 -32.32 -17.10
N THR B 144 -0.81 -31.56 -17.79
CA THR B 144 0.39 -30.97 -17.20
C THR B 144 0.27 -29.45 -17.30
N SER B 145 1.05 -28.75 -16.48
CA SER B 145 1.04 -27.29 -16.42
C SER B 145 -0.34 -26.76 -16.74
N THR B 146 -1.34 -27.16 -15.95
CA THR B 146 -2.75 -26.97 -16.34
C THR B 146 -3.03 -25.54 -16.54
N MET B 147 -2.96 -24.80 -15.44
CA MET B 147 -3.20 -23.34 -15.40
C MET B 147 -2.28 -22.58 -16.35
N GLU B 148 -1.02 -23.03 -16.44
CA GLU B 148 -0.09 -22.30 -17.32
C GLU B 148 -0.57 -22.29 -18.76
N GLN B 149 -1.13 -23.41 -19.22
CA GLN B 149 -1.72 -23.49 -20.56
C GLN B 149 -3.01 -22.67 -20.67
N HIS B 150 -3.81 -22.61 -19.61
CA HIS B 150 -4.93 -21.68 -19.63
C HIS B 150 -4.38 -20.26 -19.85
N HIS B 151 -3.24 -19.94 -19.23
CA HIS B 151 -2.75 -18.57 -19.22
C HIS B 151 -2.40 -18.16 -20.65
N PHE B 152 -1.60 -18.99 -21.33
CA PHE B 152 -1.25 -18.73 -22.73
C PHE B 152 -2.50 -18.60 -23.56
N SER B 153 -3.34 -19.65 -23.48
CA SER B 153 -4.69 -19.64 -24.08
C SER B 153 -5.34 -18.26 -23.95
N GLN B 154 -5.36 -17.72 -22.72
CA GLN B 154 -5.97 -16.42 -22.46
C GLN B 154 -5.24 -15.29 -23.15
N THR B 155 -3.91 -15.42 -23.24
CA THR B 155 -3.05 -14.39 -23.83
C THR B 155 -3.38 -14.28 -25.31
N VAL B 156 -3.39 -15.43 -25.97
CA VAL B 156 -3.73 -15.48 -27.38
C VAL B 156 -5.15 -14.92 -27.61
N SER B 157 -6.11 -15.32 -26.78
CA SER B 157 -7.47 -14.79 -26.91
C SER B 157 -7.49 -13.28 -26.90
N ILE B 158 -6.68 -12.68 -26.03
CA ILE B 158 -6.65 -11.21 -25.91
C ILE B 158 -5.97 -10.57 -27.10
N LEU B 159 -4.88 -11.18 -27.61
CA LEU B 159 -4.26 -10.65 -28.82
C LEU B 159 -5.28 -10.65 -29.97
N GLN B 160 -5.89 -11.81 -30.19
CA GLN B 160 -7.02 -11.98 -31.11
C GLN B 160 -8.23 -11.05 -30.90
N LEU B 161 -8.25 -10.26 -29.83
CA LEU B 161 -9.35 -9.30 -29.64
C LEU B 161 -9.14 -8.09 -30.53
N GLU B 162 -10.25 -7.55 -31.02
CA GLU B 162 -10.28 -6.46 -31.99
C GLU B 162 -9.56 -5.22 -31.46
N GLY B 163 -8.48 -4.82 -32.13
CA GLY B 163 -7.69 -3.64 -31.76
C GLY B 163 -6.51 -3.96 -30.83
N HIS B 164 -6.33 -5.25 -30.55
CA HIS B 164 -5.44 -5.72 -29.50
C HIS B 164 -4.12 -6.29 -30.01
N ASN B 165 -4.16 -7.04 -31.12
CA ASN B 165 -2.95 -7.72 -31.59
C ASN B 165 -1.76 -6.82 -31.90
N ILE B 166 -0.93 -6.63 -30.89
CA ILE B 166 0.22 -5.72 -30.92
C ILE B 166 1.34 -6.26 -31.74
N PHE B 167 1.15 -7.48 -32.23
CA PHE B 167 2.20 -8.16 -32.95
C PHE B 167 1.88 -8.28 -34.44
N SER B 168 0.75 -7.71 -34.85
CA SER B 168 0.25 -7.79 -36.23
C SER B 168 1.22 -7.19 -37.25
N THR B 169 1.98 -6.19 -36.84
CA THR B 169 2.95 -5.62 -37.74
C THR B 169 4.26 -6.43 -37.90
N LEU B 170 4.40 -7.56 -37.21
CA LEU B 170 5.60 -8.39 -37.41
C LEU B 170 5.45 -9.31 -38.63
N SER B 171 6.56 -9.62 -39.29
CA SER B 171 6.51 -10.60 -40.36
C SER B 171 5.78 -11.79 -39.75
N SER B 172 5.17 -12.64 -40.56
CA SER B 172 4.50 -13.85 -40.04
C SER B 172 5.49 -14.84 -39.43
N SER B 173 6.74 -14.78 -39.89
CA SER B 173 7.79 -15.61 -39.31
C SER B 173 8.16 -15.19 -37.88
N GLU B 174 8.20 -13.88 -37.65
CA GLU B 174 8.56 -13.37 -36.33
C GLU B 174 7.34 -13.43 -35.42
N TYR B 175 6.18 -13.09 -35.96
CA TYR B 175 4.89 -13.23 -35.29
C TYR B 175 4.72 -14.62 -34.69
N GLU B 176 4.92 -15.63 -35.51
CA GLU B 176 4.86 -16.97 -34.96
C GLU B 176 6.00 -17.25 -33.96
N GLN B 177 7.19 -16.64 -34.16
CA GLN B 177 8.31 -16.83 -33.18
C GLN B 177 8.00 -16.28 -31.79
N VAL B 178 7.41 -15.09 -31.74
CA VAL B 178 7.12 -14.45 -30.48
C VAL B 178 6.00 -15.19 -29.68
N LEU B 179 4.94 -15.66 -30.34
CA LEU B 179 4.02 -16.55 -29.63
C LEU B 179 4.77 -17.75 -29.03
N GLU B 180 5.65 -18.37 -29.83
CA GLU B 180 6.49 -19.48 -29.31
C GLU B 180 7.37 -19.07 -28.12
N ILE B 181 7.98 -17.89 -28.17
CA ILE B 181 8.68 -17.38 -27.03
C ILE B 181 7.73 -17.20 -25.82
N ILE B 182 6.61 -16.50 -26.05
CA ILE B 182 5.57 -16.27 -25.07
C ILE B 182 5.03 -17.59 -24.51
N ARG B 183 4.70 -18.56 -25.39
CA ARG B 183 4.29 -19.91 -24.96
C ARG B 183 5.30 -20.57 -24.02
N LYS B 184 6.53 -20.81 -24.48
CA LYS B 184 7.54 -21.46 -23.62
C LYS B 184 7.78 -20.71 -22.32
N ALA B 185 7.87 -19.38 -22.41
CA ALA B 185 8.02 -18.53 -21.24
C ALA B 185 6.94 -18.76 -20.17
N ILE B 186 5.67 -18.70 -20.59
CA ILE B 186 4.56 -18.87 -19.69
C ILE B 186 4.57 -20.29 -19.07
N ILE B 187 4.82 -21.31 -19.89
CA ILE B 187 4.83 -22.69 -19.41
C ILE B 187 5.93 -22.88 -18.36
N ALA B 188 7.00 -22.10 -18.46
CA ALA B 188 8.10 -22.33 -17.53
C ALA B 188 7.76 -21.77 -16.16
N THR B 189 6.72 -20.94 -16.08
CA THR B 189 6.26 -20.45 -14.78
C THR B 189 5.63 -21.56 -13.93
N ASP B 190 5.27 -22.68 -14.55
CA ASP B 190 4.88 -23.83 -13.78
C ASP B 190 6.08 -24.27 -12.97
N LEU B 191 6.04 -23.96 -11.68
CA LEU B 191 7.08 -24.38 -10.74
C LEU B 191 7.46 -25.88 -10.78
N ALA B 192 6.57 -26.74 -11.25
CA ALA B 192 6.94 -28.17 -11.35
C ALA B 192 8.11 -28.41 -12.32
N LEU B 193 8.14 -27.66 -13.43
CA LEU B 193 9.21 -27.77 -14.42
C LEU B 193 10.49 -27.18 -13.93
N TYR B 194 10.38 -26.26 -12.98
CA TYR B 194 11.57 -25.50 -12.59
C TYR B 194 12.70 -26.41 -12.10
N PHE B 195 12.37 -27.39 -11.27
CA PHE B 195 13.41 -28.21 -10.62
C PHE B 195 14.36 -28.92 -11.56
N GLY B 196 13.82 -29.52 -12.60
CA GLY B 196 14.63 -30.17 -13.61
C GLY B 196 15.40 -29.16 -14.43
N ASN B 197 14.76 -28.06 -14.79
CA ASN B 197 15.41 -27.05 -15.64
C ASN B 197 16.69 -26.47 -15.01
N ARG B 198 16.64 -26.30 -13.69
CA ARG B 198 17.70 -25.72 -12.90
C ARG B 198 18.80 -26.76 -12.68
N LYS B 199 18.41 -28.02 -12.66
CA LYS B 199 19.37 -29.14 -12.69
C LYS B 199 20.14 -29.13 -14.02
N GLN B 200 19.44 -29.24 -15.15
CA GLN B 200 20.08 -29.12 -16.48
C GLN B 200 21.01 -27.91 -16.63
N LEU B 201 20.55 -26.75 -16.15
CA LEU B 201 21.32 -25.52 -16.27
C LEU B 201 22.56 -25.54 -15.38
N GLU B 202 22.42 -26.10 -14.18
CA GLU B 202 23.56 -26.25 -13.29
C GLU B 202 24.63 -27.16 -13.95
N GLU B 203 24.15 -28.21 -14.61
CA GLU B 203 24.99 -29.19 -15.31
C GLU B 203 25.80 -28.51 -16.42
N MET B 204 25.11 -27.83 -17.32
CA MET B 204 25.75 -27.25 -18.47
C MET B 204 26.66 -26.10 -18.05
N TYR B 205 26.55 -25.67 -16.80
CA TYR B 205 27.38 -24.56 -16.34
C TYR B 205 28.68 -25.11 -15.79
N GLN B 206 28.55 -25.98 -14.78
CA GLN B 206 29.69 -26.66 -14.17
C GLN B 206 30.56 -27.32 -15.25
N THR B 207 29.97 -28.19 -16.08
CA THR B 207 30.72 -28.81 -17.18
C THR B 207 31.24 -27.80 -18.21
N GLY B 208 30.70 -26.58 -18.21
CA GLY B 208 31.12 -25.54 -19.18
C GLY B 208 30.51 -25.73 -20.56
N SER B 209 29.48 -26.57 -20.64
CA SER B 209 28.80 -26.88 -21.91
C SER B 209 27.74 -25.85 -22.31
N LEU B 210 27.39 -24.95 -21.39
CA LEU B 210 26.31 -24.01 -21.62
C LEU B 210 26.60 -23.06 -22.77
N ASN B 211 25.64 -22.94 -23.69
CA ASN B 211 25.82 -22.10 -24.87
C ASN B 211 24.57 -21.39 -25.39
N LEU B 212 24.53 -20.09 -25.16
CA LEU B 212 23.41 -19.19 -25.52
C LEU B 212 23.02 -19.20 -27.00
N ASN B 213 23.96 -19.56 -27.88
CA ASN B 213 23.63 -19.67 -29.32
C ASN B 213 22.83 -20.91 -29.65
N ASN B 214 22.80 -21.85 -28.69
CA ASN B 214 22.01 -23.07 -28.80
C ASN B 214 20.59 -22.85 -28.28
N GLN B 215 19.64 -22.89 -29.21
CA GLN B 215 18.24 -22.58 -28.98
C GLN B 215 17.63 -23.22 -27.74
N SER B 216 18.01 -24.47 -27.52
CA SER B 216 17.51 -25.27 -26.44
C SER B 216 18.07 -24.75 -25.11
N HIS B 217 19.34 -24.38 -25.10
CA HIS B 217 19.98 -23.78 -23.93
C HIS B 217 19.35 -22.43 -23.59
N ARG B 218 19.05 -21.70 -24.65
CA ARG B 218 18.44 -20.42 -24.56
C ARG B 218 17.08 -20.56 -23.87
N ASP B 219 16.25 -21.48 -24.40
CA ASP B 219 14.89 -21.70 -23.89
C ASP B 219 14.93 -21.92 -22.40
N ARG B 220 15.95 -22.66 -21.97
CA ARG B 220 16.08 -23.00 -20.58
C ARG B 220 16.50 -21.79 -19.78
N VAL B 221 17.37 -20.95 -20.35
CA VAL B 221 17.83 -19.76 -19.60
C VAL B 221 16.63 -18.83 -19.48
N ILE B 222 15.86 -18.68 -20.53
CA ILE B 222 14.59 -17.93 -20.44
C ILE B 222 13.64 -18.48 -19.35
N GLY B 223 13.46 -19.80 -19.37
CA GLY B 223 12.75 -20.52 -18.28
C GLY B 223 13.12 -20.09 -16.88
N LEU B 224 14.41 -20.11 -16.57
CA LEU B 224 14.87 -19.83 -15.22
C LEU B 224 14.72 -18.34 -14.89
N MET B 225 14.92 -17.50 -15.90
CA MET B 225 14.57 -16.09 -15.77
C MET B 225 13.09 -15.96 -15.38
N MET B 226 12.21 -16.68 -16.08
CA MET B 226 10.77 -16.60 -15.74
C MET B 226 10.53 -16.98 -14.26
N THR B 227 11.21 -18.03 -13.79
CA THR B 227 11.07 -18.47 -12.39
C THR B 227 11.57 -17.41 -11.41
N ALA B 228 12.73 -16.86 -11.72
CA ALA B 228 13.25 -15.79 -10.87
C ALA B 228 12.30 -14.56 -10.84
N CYS B 229 11.69 -14.23 -11.96
CA CYS B 229 10.68 -13.13 -11.94
C CYS B 229 9.40 -13.45 -11.20
N ASP B 230 8.92 -14.68 -11.34
CA ASP B 230 7.73 -15.13 -10.64
C ASP B 230 7.92 -15.19 -9.13
N LEU B 231 9.14 -15.38 -8.65
CA LEU B 231 9.34 -15.49 -7.18
C LEU B 231 9.85 -14.18 -6.56
N CYS B 232 10.05 -13.17 -7.39
CA CYS B 232 10.84 -12.05 -6.93
C CYS B 232 10.33 -11.36 -5.69
N SER B 233 9.12 -11.65 -5.25
CA SER B 233 8.73 -11.00 -4.01
C SER B 233 9.64 -11.51 -2.88
N VAL B 234 10.39 -12.60 -3.10
CA VAL B 234 11.38 -13.00 -2.07
C VAL B 234 12.66 -12.19 -2.21
N THR B 235 12.72 -11.36 -3.24
CA THR B 235 13.87 -10.45 -3.45
C THR B 235 13.59 -8.96 -3.07
N LYS B 236 12.58 -8.72 -2.25
CA LYS B 236 12.24 -7.34 -1.94
C LYS B 236 12.70 -7.08 -0.54
N LEU B 237 12.48 -5.88 -0.07
CA LEU B 237 12.83 -5.57 1.30
C LEU B 237 11.89 -6.33 2.23
N TRP B 238 12.45 -6.83 3.32
CA TRP B 238 11.74 -7.68 4.26
C TRP B 238 10.24 -7.33 4.50
N PRO B 239 9.89 -6.09 4.86
CA PRO B 239 8.45 -5.84 5.14
C PRO B 239 7.48 -6.05 3.94
N VAL B 240 7.98 -5.79 2.75
CA VAL B 240 7.25 -6.05 1.52
C VAL B 240 7.15 -7.58 1.37
N THR B 241 8.32 -8.22 1.35
CA THR B 241 8.45 -9.67 1.34
C THR B 241 7.47 -10.32 2.31
N LYS B 242 7.35 -9.78 3.52
CA LYS B 242 6.54 -10.37 4.60
C LYS B 242 5.06 -10.15 4.29
N LEU B 243 4.75 -8.97 3.78
CA LEU B 243 3.39 -8.60 3.48
C LEU B 243 2.91 -9.38 2.30
N THR B 244 3.78 -9.61 1.32
CA THR B 244 3.37 -10.43 0.18
C THR B 244 3.13 -11.88 0.62
N ALA B 245 3.97 -12.38 1.53
CA ALA B 245 3.77 -13.71 2.09
C ALA B 245 2.33 -13.91 2.61
N ASN B 246 1.79 -12.91 3.32
CA ASN B 246 0.40 -12.96 3.82
C ASN B 246 -0.62 -13.28 2.70
N ASP B 247 -0.51 -12.53 1.59
CA ASP B 247 -1.42 -12.56 0.47
C ASP B 247 -1.45 -13.92 -0.18
N ILE B 248 -0.27 -14.48 -0.36
CA ILE B 248 -0.12 -15.78 -0.96
C ILE B 248 -0.68 -16.86 -0.01
N TYR B 249 -0.56 -16.64 1.29
CA TYR B 249 -1.08 -17.63 2.23
C TYR B 249 -2.60 -17.59 2.33
N ALA B 250 -3.16 -16.39 2.40
CA ALA B 250 -4.58 -16.17 2.22
C ALA B 250 -5.12 -17.03 1.05
N GLU B 251 -4.37 -17.06 -0.05
CA GLU B 251 -4.82 -17.80 -1.21
C GLU B 251 -4.71 -19.28 -0.97
N PHE B 252 -3.59 -19.71 -0.38
CA PHE B 252 -3.39 -21.14 -0.09
C PHE B 252 -4.37 -21.71 0.91
N TRP B 253 -4.61 -20.99 2.01
CA TRP B 253 -5.57 -21.38 3.03
C TRP B 253 -6.94 -21.49 2.43
N ALA B 254 -7.38 -20.47 1.68
CA ALA B 254 -8.67 -20.49 0.95
C ALA B 254 -8.82 -21.71 0.06
N GLU B 255 -7.68 -22.27 -0.38
CA GLU B 255 -7.68 -23.52 -1.14
C GLU B 255 -7.87 -24.66 -0.15
N GLY B 256 -7.10 -24.65 0.93
CA GLY B 256 -7.27 -25.59 2.05
C GLY B 256 -8.72 -25.70 2.51
N ASP B 257 -9.36 -24.55 2.78
CA ASP B 257 -10.79 -24.46 3.10
C ASP B 257 -11.71 -25.26 2.21
N GLU B 258 -11.67 -24.94 0.91
CA GLU B 258 -12.50 -25.59 -0.09
C GLU B 258 -12.19 -27.07 -0.22
N MET B 259 -10.98 -27.49 0.13
CA MET B 259 -10.65 -28.93 0.16
C MET B 259 -11.27 -29.57 1.41
N LYS B 260 -11.20 -28.85 2.53
CA LYS B 260 -11.84 -29.28 3.78
C LYS B 260 -13.32 -29.48 3.54
N LYS B 261 -13.92 -28.50 2.86
CA LYS B 261 -15.36 -28.46 2.63
C LYS B 261 -15.90 -29.67 1.89
N LEU B 262 -15.07 -30.29 1.05
CA LEU B 262 -15.48 -31.54 0.37
C LEU B 262 -14.60 -32.77 0.67
N GLY B 263 -14.25 -32.91 1.95
CA GLY B 263 -13.79 -34.17 2.49
C GLY B 263 -12.32 -34.48 2.35
N ILE B 264 -11.53 -33.52 1.90
CA ILE B 264 -10.10 -33.79 1.77
C ILE B 264 -9.23 -32.83 2.59
N GLN B 265 -8.31 -33.43 3.35
CA GLN B 265 -7.41 -32.73 4.24
C GLN B 265 -6.21 -32.18 3.48
N PRO B 266 -6.05 -30.85 3.48
CA PRO B 266 -4.98 -30.12 2.80
C PRO B 266 -3.60 -30.33 3.38
N ILE B 267 -2.57 -30.04 2.60
CA ILE B 267 -1.17 -30.06 3.06
C ILE B 267 -0.99 -28.96 4.11
N PRO B 268 0.02 -29.08 4.99
CA PRO B 268 0.21 -28.02 5.99
C PRO B 268 0.17 -26.59 5.42
N MET B 269 0.96 -26.32 4.40
CA MET B 269 0.98 -24.97 3.80
C MET B 269 -0.40 -24.42 3.38
N MET B 270 -1.38 -25.27 3.10
CA MET B 270 -2.70 -24.70 2.77
C MET B 270 -3.73 -24.91 3.88
N ASP B 271 -3.22 -25.13 5.08
CA ASP B 271 -4.07 -25.38 6.24
C ASP B 271 -3.96 -24.21 7.20
N ARG B 272 -4.97 -23.33 7.18
CA ARG B 272 -4.99 -22.19 8.10
C ARG B 272 -4.85 -22.58 9.58
N ASP B 273 -5.09 -23.85 9.86
CA ASP B 273 -5.02 -24.31 11.22
C ASP B 273 -3.58 -24.71 11.56
N LYS B 274 -2.64 -24.45 10.65
CA LYS B 274 -1.22 -24.76 10.93
C LYS B 274 -0.23 -23.58 10.76
N LYS B 275 -0.70 -22.35 11.00
CA LYS B 275 0.10 -21.13 10.79
C LYS B 275 1.51 -21.16 11.41
N ASP B 276 1.69 -22.01 12.41
CA ASP B 276 2.91 -22.11 13.19
C ASP B 276 4.08 -22.64 12.35
N GLU B 277 3.78 -23.51 11.39
CA GLU B 277 4.82 -24.11 10.54
C GLU B 277 5.31 -23.18 9.39
N VAL B 278 4.57 -22.10 9.16
CA VAL B 278 4.86 -21.22 8.00
C VAL B 278 6.37 -20.92 7.91
N PRO B 279 6.95 -20.35 8.98
CA PRO B 279 8.37 -19.97 8.92
C PRO B 279 9.32 -21.11 8.54
N GLN B 280 9.01 -22.31 9.04
CA GLN B 280 9.76 -23.48 8.69
C GLN B 280 9.60 -23.73 7.18
N GLY B 281 8.35 -23.75 6.71
CA GLY B 281 8.03 -23.85 5.29
C GLY B 281 8.69 -22.75 4.45
N GLN B 282 8.69 -21.53 4.98
CA GLN B 282 9.41 -20.49 4.26
C GLN B 282 10.90 -20.87 4.13
N LEU B 283 11.49 -21.32 5.25
CA LEU B 283 12.91 -21.69 5.28
C LEU B 283 13.19 -22.82 4.30
N GLY B 284 12.23 -23.74 4.15
CA GLY B 284 12.40 -24.85 3.22
C GLY B 284 12.21 -24.43 1.78
N PHE B 285 11.25 -23.55 1.54
CA PHE B 285 11.06 -23.03 0.21
C PHE B 285 12.25 -22.20 -0.24
N TYR B 286 12.85 -21.44 0.66
CA TYR B 286 14.05 -20.67 0.26
C TYR B 286 15.24 -21.58 -0.03
N ASN B 287 15.48 -22.56 0.84
CA ASN B 287 16.60 -23.48 0.68
C ASN B 287 16.46 -24.41 -0.50
N ALA B 288 15.29 -25.03 -0.62
CA ALA B 288 15.00 -25.93 -1.73
C ALA B 288 14.69 -25.25 -3.07
N VAL B 289 14.22 -24.01 -3.07
CA VAL B 289 13.75 -23.36 -4.33
C VAL B 289 14.41 -22.02 -4.69
N ALA B 290 14.05 -20.98 -3.92
CA ALA B 290 14.48 -19.63 -4.23
C ALA B 290 16.01 -19.47 -4.30
N ILE B 291 16.73 -19.79 -3.21
CA ILE B 291 18.17 -19.69 -3.25
C ILE B 291 18.73 -20.39 -4.47
N PRO B 292 18.36 -21.68 -4.68
CA PRO B 292 18.97 -22.35 -5.82
C PRO B 292 18.72 -21.61 -7.12
N CYS B 293 17.56 -21.00 -7.21
CA CYS B 293 17.15 -20.32 -8.43
C CYS B 293 18.07 -19.14 -8.63
N TYR B 294 18.09 -18.27 -7.63
CA TYR B 294 18.87 -17.04 -7.72
C TYR B 294 20.38 -17.32 -7.86
N THR B 295 20.81 -18.50 -7.41
CA THR B 295 22.23 -18.90 -7.55
C THR B 295 22.55 -19.27 -9.00
N THR B 296 21.78 -20.19 -9.60
CA THR B 296 22.13 -20.58 -10.97
C THR B 296 22.04 -19.36 -11.87
N LEU B 297 20.99 -18.56 -11.67
CA LEU B 297 20.78 -17.39 -12.50
C LEU B 297 21.95 -16.38 -12.39
N THR B 298 22.51 -16.25 -11.18
CA THR B 298 23.66 -15.36 -10.94
C THR B 298 24.95 -15.85 -11.64
N GLN B 299 25.20 -17.16 -11.54
CA GLN B 299 26.29 -17.80 -12.25
C GLN B 299 26.18 -17.59 -13.75
N ILE B 300 24.97 -17.70 -14.27
CA ILE B 300 24.77 -17.61 -15.74
C ILE B 300 24.67 -16.18 -16.21
N LEU B 301 24.01 -15.36 -15.41
CA LEU B 301 23.86 -13.95 -15.72
C LEU B 301 24.32 -13.13 -14.51
N PRO B 302 25.65 -12.89 -14.39
CA PRO B 302 26.23 -12.16 -13.24
C PRO B 302 25.57 -10.83 -12.80
N PRO B 303 25.15 -9.99 -13.76
CA PRO B 303 24.49 -8.77 -13.28
C PRO B 303 23.22 -9.03 -12.42
N THR B 304 22.67 -10.25 -12.35
CA THR B 304 21.44 -10.45 -11.58
C THR B 304 21.70 -10.73 -10.08
N GLU B 305 22.97 -10.65 -9.69
CA GLU B 305 23.41 -10.99 -8.35
C GLU B 305 22.59 -10.34 -7.20
N PRO B 306 22.25 -9.03 -7.32
CA PRO B 306 21.44 -8.38 -6.28
C PRO B 306 20.14 -9.11 -5.93
N LEU B 307 19.56 -9.83 -6.88
CA LEU B 307 18.40 -10.68 -6.59
C LEU B 307 18.81 -11.77 -5.62
N LEU B 308 20.01 -12.33 -5.84
CA LEU B 308 20.47 -13.47 -5.00
C LEU B 308 20.64 -12.96 -3.61
N LYS B 309 21.31 -11.82 -3.51
CA LYS B 309 21.64 -11.23 -2.22
C LYS B 309 20.40 -10.84 -1.43
N ALA B 310 19.45 -10.18 -2.09
CA ALA B 310 18.18 -9.79 -1.45
C ALA B 310 17.50 -11.06 -0.85
N CYS B 311 17.49 -12.13 -1.63
CA CYS B 311 16.89 -13.40 -1.24
C CYS B 311 17.61 -13.93 -0.02
N ARG B 312 18.94 -13.99 -0.09
CA ARG B 312 19.77 -14.35 1.11
C ARG B 312 19.42 -13.55 2.34
N ASP B 313 19.25 -12.24 2.18
CA ASP B 313 18.83 -11.36 3.29
C ASP B 313 17.45 -11.72 3.78
N ASN B 314 16.58 -12.22 2.90
CA ASN B 314 15.26 -12.59 3.40
C ASN B 314 15.26 -13.94 4.11
N LEU B 315 16.00 -14.88 3.55
CA LEU B 315 16.21 -16.19 4.18
C LEU B 315 16.62 -15.94 5.63
N SER B 316 17.65 -15.09 5.79
CA SER B 316 18.09 -14.55 7.09
C SER B 316 16.98 -14.07 8.02
N GLN B 317 16.06 -13.28 7.48
CA GLN B 317 14.90 -12.78 8.24
C GLN B 317 14.02 -13.92 8.72
N TRP B 318 13.91 -14.96 7.89
CA TRP B 318 13.07 -16.07 8.25
C TRP B 318 13.70 -16.87 9.39
N GLU B 319 15.02 -17.14 9.26
CA GLU B 319 15.79 -17.87 10.28
C GLU B 319 15.67 -17.20 11.64
N LYS B 320 15.60 -15.87 11.63
CA LYS B 320 15.46 -15.07 12.85
C LYS B 320 14.05 -15.19 13.45
N VAL B 321 13.05 -15.28 12.57
CA VAL B 321 11.64 -15.43 12.97
C VAL B 321 11.48 -16.75 13.69
N ILE B 322 12.16 -17.79 13.18
CA ILE B 322 12.09 -19.12 13.74
C ILE B 322 12.65 -19.11 15.18
N ARG B 323 13.77 -18.42 15.35
CA ARG B 323 14.43 -18.24 16.64
C ARG B 323 13.71 -17.18 17.45
N GLY B 324 12.55 -16.73 16.95
CA GLY B 324 11.69 -15.76 17.66
C GLY B 324 12.20 -14.32 17.76
N GLU B 325 12.28 -13.63 16.63
CA GLU B 325 12.70 -12.21 16.63
C GLU B 325 11.87 -11.34 15.67
ZN ZN C . -4.85 10.37 17.17
MG MG D . -7.24 8.11 19.18
C10 8G6 E . -0.01 1.78 15.09
C11 8G6 E . -0.56 4.09 14.74
C14 8G6 E . -1.29 1.54 15.57
C15 8G6 E . -1.83 3.86 15.22
C7 8G6 E . 3.32 6.15 12.75
C5 8G6 E . 0.35 3.04 14.67
C16 8G6 E . -2.17 2.59 15.62
C9 8G6 E . 2.03 6.64 13.07
C3 8G6 E . 3.29 4.82 13.15
C6 8G6 E . 2.58 2.29 14.16
C12 8G6 E . 3.89 2.67 13.60
C2 8G6 E . 1.70 3.31 14.15
C13 8G6 E . 1.45 7.98 12.87
N4 8G6 E . 1.28 5.68 13.61
N8 8G6 E . 4.23 3.83 13.12
N1 8G6 E . 2.05 4.57 13.66
CL 8G6 E . -3.76 2.35 16.22
ZN ZN F . 2.98 -16.09 -11.18
MG MG G . 1.26 -19.01 -12.40
#